data_1TAT
#
_entry.id   1TAT
#
_cell.length_a   69.500
_cell.length_b   89.600
_cell.length_c   144.700
_cell.angle_alpha   90.00
_cell.angle_beta   90.00
_cell.angle_gamma   90.00
#
_symmetry.space_group_name_H-M   'P 21 21 21'
#
loop_
_entity.id
_entity.type
_entity.pdbx_description
1 polymer 'ASPARTATE AMINOTRANSFERASE'
2 non-polymer "PYRIDOXAL-5'-PHOSPHATE"
#
_entity_poly.entity_id   1
_entity_poly.type   'polypeptide(L)'
_entity_poly.pdbx_seq_one_letter_code
;SSWWSHVEMGPPDPILGVTEAFKRDTNSKKMNLGVGAYRDDNGKPYVLNCVRKAEAMIAAKKMDKEYLPIAGLADFTRAS
AELALGENSEAFKSGRYVTVQGISGTGSLRVGANFLQRFFKFSRDVYLPKPSWGNHTPIFRDAGLQLQAYRYYDPKTCSL
DFTGAMEDISKIPEKSIILLHACAHNPTGVDPRQEQWKELASVVKKRNLLAYFDMAYQGFASGDINRDAWALRHFIEQGI
DVVLSQSYAKNMGLYGERAGAFTVICRDAEEAKRVESQLKILIRPMYSNPPMNGARIASLILNTPELRKEWLVEVKGMAD
RIISMRTQLVSNLKKEGSSHNWQHITDQIGMFCFTGLKPEQVERLTKEFSIYMTKDGRISVAGVASSNVGYLAHAIHQVT
K
;
_entity_poly.pdbx_strand_id   A,B
#
loop_
_chem_comp.id
_chem_comp.type
_chem_comp.name
_chem_comp.formula
PLP non-polymer PYRIDOXAL-5'-PHOSPHATE 'C8 H10 N O6 P'
#
# COMPACT_ATOMS: atom_id res chain seq x y z
N SER A 1 26.55 19.08 7.31
CA SER A 1 25.51 19.77 6.57
C SER A 1 25.74 19.83 5.06
N SER A 2 25.07 19.05 4.19
CA SER A 2 24.05 18.00 4.37
C SER A 2 22.63 18.40 4.11
N TRP A 3 21.88 17.57 3.35
CA TRP A 3 20.48 17.84 3.01
C TRP A 3 19.56 17.67 4.17
N TRP A 4 19.92 16.70 5.01
CA TRP A 4 19.14 16.25 6.15
C TRP A 4 19.73 16.41 7.51
N SER A 5 20.72 17.23 7.58
CA SER A 5 21.42 17.48 8.82
C SER A 5 20.55 17.92 9.99
N HIS A 6 19.33 18.35 9.67
CA HIS A 6 18.40 18.88 10.65
C HIS A 6 17.29 17.94 10.93
N VAL A 7 17.27 16.80 10.22
CA VAL A 7 16.22 15.88 10.49
C VAL A 7 16.39 15.23 11.83
N GLU A 8 15.41 15.56 12.67
CA GLU A 8 15.46 15.07 14.01
C GLU A 8 15.04 13.60 14.14
N MET A 9 15.60 12.91 15.12
CA MET A 9 15.30 11.52 15.43
C MET A 9 13.89 11.41 16.12
N GLY A 10 12.88 10.86 15.44
CA GLY A 10 11.56 10.79 16.06
C GLY A 10 11.44 9.61 16.96
N PRO A 11 10.41 9.61 17.77
CA PRO A 11 10.12 8.58 18.73
C PRO A 11 9.39 7.36 18.17
N PRO A 12 9.61 6.22 18.75
CA PRO A 12 8.95 5.01 18.27
C PRO A 12 7.42 5.02 18.40
N ASP A 13 6.72 4.31 17.48
CA ASP A 13 5.26 4.27 17.51
C ASP A 13 4.78 3.67 18.77
N PRO A 14 3.97 4.48 19.40
CA PRO A 14 3.32 4.19 20.65
C PRO A 14 2.87 2.73 20.87
N ILE A 15 2.36 2.07 19.80
CA ILE A 15 1.88 0.72 19.76
C ILE A 15 2.83 -0.20 19.07
N LEU A 16 2.97 0.05 17.73
CA LEU A 16 3.86 -0.74 16.89
C LEU A 16 5.27 -0.72 17.41
N GLY A 17 5.57 0.25 18.27
CA GLY A 17 6.92 0.37 18.84
C GLY A 17 7.27 -0.62 19.93
N VAL A 18 6.28 -1.19 20.60
CA VAL A 18 6.43 -2.16 21.69
C VAL A 18 6.90 -3.51 21.07
N THR A 19 6.48 -3.71 19.85
CA THR A 19 6.91 -4.94 19.25
C THR A 19 8.38 -4.93 18.96
N GLU A 20 8.81 -3.75 18.54
CA GLU A 20 10.20 -3.60 18.27
C GLU A 20 10.92 -3.95 19.55
N ALA A 21 10.60 -3.20 20.61
CA ALA A 21 11.20 -3.43 21.93
C ALA A 21 11.12 -4.84 22.39
N PHE A 22 9.92 -5.38 22.23
CA PHE A 22 9.64 -6.72 22.60
C PHE A 22 10.71 -7.67 21.98
N LYS A 23 10.91 -7.55 20.64
CA LYS A 23 11.87 -8.41 19.92
C LYS A 23 13.26 -8.34 20.47
N ARG A 24 13.55 -7.35 21.23
CA ARG A 24 14.89 -7.24 21.71
C ARG A 24 15.14 -7.87 23.02
N ASP A 25 14.07 -8.10 23.83
CA ASP A 25 14.11 -8.68 25.16
C ASP A 25 14.50 -10.13 25.10
N THR A 26 15.51 -10.51 25.84
CA THR A 26 15.99 -11.87 25.83
C THR A 26 15.36 -12.78 26.84
N ASN A 27 14.34 -12.39 27.58
CA ASN A 27 13.71 -13.27 28.60
C ASN A 27 12.74 -14.30 27.97
N SER A 28 13.01 -15.57 28.19
CA SER A 28 12.22 -16.66 27.65
C SER A 28 10.76 -16.53 27.94
N LYS A 29 10.48 -15.77 28.95
CA LYS A 29 9.13 -15.63 29.38
C LYS A 29 8.32 -14.44 28.86
N LYS A 30 8.90 -13.66 27.93
CA LYS A 30 8.21 -12.47 27.41
C LYS A 30 6.88 -12.74 26.80
N MET A 31 6.13 -11.68 26.78
CA MET A 31 4.84 -11.82 26.16
C MET A 31 4.54 -10.52 25.43
N ASN A 32 4.07 -10.61 24.18
CA ASN A 32 3.80 -9.36 23.55
C ASN A 32 2.33 -8.98 23.54
N LEU A 33 1.82 -8.41 24.68
CA LEU A 33 0.42 -7.96 24.77
C LEU A 33 0.30 -6.53 24.30
N GLY A 34 1.02 -6.14 23.28
CA GLY A 34 0.94 -4.80 22.80
C GLY A 34 -0.18 -4.58 21.76
N VAL A 35 0.18 -4.85 20.51
CA VAL A 35 -0.65 -4.76 19.35
C VAL A 35 -1.64 -5.86 19.60
N GLY A 36 -2.77 -5.73 18.91
CA GLY A 36 -3.86 -6.63 18.95
C GLY A 36 -3.63 -7.58 17.84
N ALA A 37 -3.00 -8.67 18.23
CA ALA A 37 -2.69 -9.78 17.36
C ALA A 37 -2.93 -11.06 18.17
N TYR A 38 -3.79 -11.91 17.61
CA TYR A 38 -4.22 -13.13 18.18
C TYR A 38 -3.25 -14.33 18.12
N ARG A 39 -3.22 -15.03 19.24
CA ARG A 39 -2.39 -16.21 19.35
C ARG A 39 -3.18 -17.39 19.87
N ASP A 40 -2.85 -18.55 19.39
CA ASP A 40 -3.57 -19.70 19.89
C ASP A 40 -3.11 -19.96 21.27
N ASP A 41 -3.87 -20.83 21.93
CA ASP A 41 -3.71 -21.27 23.30
C ASP A 41 -2.30 -21.66 23.69
N ASN A 42 -1.40 -21.66 22.74
CA ASN A 42 -0.01 -21.98 23.01
C ASN A 42 0.83 -20.71 22.73
N GLY A 43 0.07 -19.60 22.71
CA GLY A 43 0.70 -18.35 22.43
C GLY A 43 1.37 -18.37 21.03
N LYS A 44 0.85 -19.13 20.05
CA LYS A 44 1.50 -19.10 18.74
C LYS A 44 0.61 -18.46 17.68
N PRO A 45 1.18 -17.75 16.69
CA PRO A 45 0.41 -17.14 15.63
C PRO A 45 -0.45 -18.18 15.00
N TYR A 46 -1.64 -17.75 14.84
CA TYR A 46 -2.61 -18.60 14.32
C TYR A 46 -3.07 -18.27 12.88
N VAL A 47 -2.66 -19.09 11.95
CA VAL A 47 -3.11 -18.88 10.64
C VAL A 47 -4.36 -19.74 10.50
N LEU A 48 -5.49 -19.07 10.25
CA LEU A 48 -6.75 -19.79 10.08
C LEU A 48 -6.66 -20.95 9.10
N ASN A 49 -7.41 -21.98 9.42
CA ASN A 49 -7.42 -23.13 8.57
C ASN A 49 -8.03 -22.78 7.26
N CYS A 50 -9.10 -21.97 7.30
CA CYS A 50 -9.64 -21.60 6.00
C CYS A 50 -8.60 -20.73 5.30
N VAL A 51 -7.76 -20.02 6.09
CA VAL A 51 -6.77 -19.22 5.41
C VAL A 51 -5.87 -20.18 4.68
N ARG A 52 -5.28 -21.12 5.48
CA ARG A 52 -4.39 -22.12 4.87
C ARG A 52 -5.02 -22.77 3.60
N LYS A 53 -6.30 -23.15 3.71
CA LYS A 53 -6.95 -23.73 2.57
C LYS A 53 -6.97 -22.87 1.36
N ALA A 54 -7.41 -21.61 1.54
CA ALA A 54 -7.48 -20.75 0.36
C ALA A 54 -6.17 -20.58 -0.34
N GLU A 55 -5.09 -20.52 0.48
CA GLU A 55 -3.81 -20.34 -0.23
C GLU A 55 -3.48 -21.53 -1.06
N ALA A 56 -3.99 -22.65 -0.63
CA ALA A 56 -3.75 -23.87 -1.35
C ALA A 56 -4.53 -23.85 -2.69
N MET A 57 -5.72 -23.33 -2.68
CA MET A 57 -6.32 -23.33 -3.98
C MET A 57 -5.70 -22.35 -5.01
N ILE A 58 -5.09 -21.27 -4.50
CA ILE A 58 -4.44 -20.28 -5.36
C ILE A 58 -3.16 -20.88 -5.92
N ALA A 59 -2.38 -21.59 -5.11
CA ALA A 59 -1.20 -22.17 -5.65
C ALA A 59 -1.62 -23.20 -6.65
N ALA A 60 -2.56 -24.07 -6.25
CA ALA A 60 -2.97 -25.04 -7.19
C ALA A 60 -3.51 -24.39 -8.41
N LYS A 61 -4.12 -23.22 -8.28
CA LYS A 61 -4.65 -22.64 -9.47
C LYS A 61 -3.59 -22.17 -10.45
N LYS A 62 -2.35 -22.12 -9.98
CA LYS A 62 -1.24 -21.69 -10.81
C LYS A 62 -1.61 -20.33 -11.39
N MET A 63 -2.01 -19.38 -10.52
CA MET A 63 -2.42 -18.09 -11.05
C MET A 63 -1.30 -17.15 -11.40
N ASP A 64 -1.61 -16.08 -12.21
CA ASP A 64 -0.67 -15.01 -12.64
C ASP A 64 -0.42 -13.90 -11.58
N LYS A 65 0.44 -12.94 -11.87
CA LYS A 65 0.70 -11.89 -10.87
C LYS A 65 0.55 -10.56 -11.48
N GLU A 66 -0.35 -10.50 -12.37
CA GLU A 66 -0.51 -9.25 -13.00
C GLU A 66 -1.20 -8.25 -12.13
N TYR A 67 -1.09 -7.00 -12.59
CA TYR A 67 -1.68 -5.90 -11.87
C TYR A 67 -3.16 -6.07 -11.80
N LEU A 68 -3.68 -5.54 -10.73
CA LEU A 68 -5.05 -5.48 -10.39
C LEU A 68 -5.50 -4.08 -10.77
N PRO A 69 -6.73 -3.94 -10.99
CA PRO A 69 -7.24 -2.65 -11.34
C PRO A 69 -7.08 -1.72 -10.17
N ILE A 70 -7.23 -0.44 -10.40
CA ILE A 70 -7.04 0.49 -9.31
C ILE A 70 -7.81 0.23 -8.02
N ALA A 71 -9.10 0.07 -8.13
CA ALA A 71 -9.92 -0.20 -6.97
C ALA A 71 -9.75 -1.61 -6.45
N GLY A 72 -9.09 -2.46 -7.27
CA GLY A 72 -8.84 -3.84 -6.84
C GLY A 72 -9.61 -5.00 -7.47
N LEU A 73 -9.56 -6.13 -6.81
CA LEU A 73 -10.21 -7.28 -7.32
C LEU A 73 -11.72 -7.16 -7.06
N ALA A 74 -12.52 -7.18 -8.16
CA ALA A 74 -13.95 -7.04 -7.98
C ALA A 74 -14.56 -8.02 -7.08
N ASP A 75 -14.06 -9.23 -7.05
CA ASP A 75 -14.76 -10.14 -6.19
C ASP A 75 -14.55 -9.82 -4.77
N PHE A 76 -13.40 -9.31 -4.50
CA PHE A 76 -13.07 -8.99 -3.14
C PHE A 76 -13.91 -7.80 -2.71
N THR A 77 -13.93 -6.92 -3.68
CA THR A 77 -14.65 -5.76 -3.47
C THR A 77 -16.10 -6.01 -3.11
N ARG A 78 -16.84 -6.56 -4.06
CA ARG A 78 -18.23 -6.91 -3.93
C ARG A 78 -18.49 -7.58 -2.63
N ALA A 79 -17.62 -8.51 -2.29
CA ALA A 79 -17.74 -9.28 -1.08
C ALA A 79 -17.73 -8.49 0.24
N SER A 80 -16.78 -7.57 0.40
CA SER A 80 -16.71 -6.81 1.63
C SER A 80 -17.90 -5.93 1.83
N ALA A 81 -18.43 -5.45 0.74
CA ALA A 81 -19.57 -4.58 0.85
C ALA A 81 -20.70 -5.39 1.51
N GLU A 82 -20.92 -6.53 0.87
CA GLU A 82 -21.91 -7.45 1.29
C GLU A 82 -21.64 -7.80 2.73
N LEU A 83 -20.42 -8.17 3.04
CA LEU A 83 -20.01 -8.56 4.37
C LEU A 83 -20.40 -7.59 5.40
N ALA A 84 -20.21 -6.32 4.97
CA ALA A 84 -20.51 -5.20 5.83
C ALA A 84 -21.97 -4.95 5.84
N LEU A 85 -22.48 -4.36 4.77
CA LEU A 85 -23.88 -4.00 4.50
C LEU A 85 -25.00 -4.99 4.76
N GLY A 86 -24.73 -6.27 4.48
CA GLY A 86 -25.69 -7.37 4.63
C GLY A 86 -26.21 -7.75 3.25
N GLU A 87 -26.75 -8.96 3.02
CA GLU A 87 -27.23 -9.26 1.68
C GLU A 87 -28.61 -8.69 1.52
N ASN A 88 -29.47 -8.81 2.52
CA ASN A 88 -30.75 -8.16 2.24
C ASN A 88 -30.62 -6.61 2.14
N SER A 89 -29.41 -6.09 2.27
CA SER A 89 -29.16 -4.66 2.23
C SER A 89 -29.69 -3.95 1.01
N GLU A 90 -30.49 -2.90 1.21
CA GLU A 90 -31.08 -2.15 0.09
C GLU A 90 -30.07 -1.36 -0.73
N ALA A 91 -29.14 -0.78 0.01
CA ALA A 91 -28.08 0.02 -0.55
C ALA A 91 -27.14 -0.90 -1.29
N PHE A 92 -27.01 -2.07 -0.79
CA PHE A 92 -26.18 -3.01 -1.45
C PHE A 92 -26.92 -3.48 -2.69
N LYS A 93 -28.15 -4.02 -2.48
CA LYS A 93 -28.93 -4.51 -3.63
C LYS A 93 -29.01 -3.54 -4.83
N SER A 94 -29.15 -2.24 -4.54
CA SER A 94 -29.27 -1.19 -5.54
C SER A 94 -27.98 -0.72 -6.11
N GLY A 95 -26.89 -1.03 -5.45
CA GLY A 95 -25.59 -0.60 -5.93
C GLY A 95 -25.36 0.87 -5.73
N ARG A 96 -25.65 1.40 -4.56
CA ARG A 96 -25.44 2.83 -4.27
C ARG A 96 -24.10 3.03 -3.53
N TYR A 97 -23.36 1.96 -3.50
CA TYR A 97 -22.15 2.01 -2.74
C TYR A 97 -20.96 1.86 -3.68
N VAL A 98 -19.73 2.16 -3.19
CA VAL A 98 -18.50 2.04 -3.99
C VAL A 98 -17.50 1.49 -3.03
N THR A 99 -16.87 0.45 -3.42
CA THR A 99 -15.91 -0.06 -2.49
C THR A 99 -14.58 -0.15 -3.18
N VAL A 100 -13.56 0.21 -2.53
CA VAL A 100 -12.35 0.09 -3.26
C VAL A 100 -11.43 -0.72 -2.38
N GLN A 101 -10.65 -1.57 -3.01
CA GLN A 101 -9.80 -2.26 -2.13
C GLN A 101 -8.76 -1.28 -1.61
N GLY A 102 -8.26 -1.58 -0.43
CA GLY A 102 -7.26 -0.78 0.25
C GLY A 102 -6.20 -1.59 1.04
N ILE A 103 -5.26 -0.82 1.52
CA ILE A 103 -4.18 -1.39 2.24
C ILE A 103 -4.55 -1.64 3.68
N SER A 104 -5.43 -2.63 3.82
CA SER A 104 -5.93 -3.02 5.11
C SER A 104 -6.73 -1.88 5.65
N GLY A 105 -6.80 -1.84 6.94
CA GLY A 105 -7.57 -0.75 7.53
C GLY A 105 -6.98 0.62 7.42
N THR A 106 -5.68 0.74 7.62
CA THR A 106 -5.03 2.04 7.56
C THR A 106 -5.18 2.69 6.20
N GLY A 107 -4.67 2.03 5.19
CA GLY A 107 -4.75 2.59 3.89
C GLY A 107 -6.18 2.87 3.49
N SER A 108 -7.16 2.28 4.16
CA SER A 108 -8.53 2.54 3.77
C SER A 108 -9.01 3.80 4.43
N LEU A 109 -8.59 3.88 5.67
CA LEU A 109 -8.91 4.99 6.48
C LEU A 109 -8.34 6.20 5.81
N ARG A 110 -7.11 6.01 5.38
CA ARG A 110 -6.31 7.05 4.74
C ARG A 110 -6.83 7.56 3.39
N VAL A 111 -7.36 6.61 2.53
CA VAL A 111 -7.89 7.09 1.25
C VAL A 111 -9.20 7.77 1.49
N GLY A 112 -9.89 7.24 2.49
CA GLY A 112 -11.15 7.82 2.90
C GLY A 112 -10.83 9.25 3.44
N ALA A 113 -9.74 9.40 4.18
CA ALA A 113 -9.50 10.73 4.61
C ALA A 113 -9.11 11.59 3.46
N ASN A 114 -8.29 11.01 2.63
CA ASN A 114 -7.87 11.78 1.50
C ASN A 114 -8.99 12.19 0.53
N PHE A 115 -10.07 11.41 0.57
CA PHE A 115 -11.16 11.70 -0.30
C PHE A 115 -11.92 12.82 0.29
N LEU A 116 -12.18 12.67 1.60
CA LEU A 116 -12.90 13.70 2.35
C LEU A 116 -12.26 15.03 2.14
N GLN A 117 -10.92 15.09 2.42
CA GLN A 117 -10.28 16.37 2.25
C GLN A 117 -10.48 16.94 0.86
N ARG A 118 -10.41 16.07 -0.12
CA ARG A 118 -10.59 16.63 -1.41
C ARG A 118 -12.01 17.04 -1.68
N PHE A 119 -12.98 16.20 -1.41
CA PHE A 119 -14.35 16.56 -1.80
C PHE A 119 -15.39 16.95 -0.78
N PHE A 120 -15.16 16.67 0.47
CA PHE A 120 -16.15 17.05 1.40
C PHE A 120 -15.94 18.52 1.65
N LYS A 121 -16.82 19.37 1.12
CA LYS A 121 -16.66 20.81 1.29
C LYS A 121 -17.29 21.39 2.54
N PHE A 122 -18.24 20.73 3.08
CA PHE A 122 -18.88 21.29 4.20
C PHE A 122 -18.15 21.28 5.53
N SER A 123 -16.85 20.96 5.61
CA SER A 123 -16.19 20.97 6.90
C SER A 123 -14.78 20.52 6.78
N ARG A 124 -13.97 20.73 7.81
CA ARG A 124 -12.55 20.30 7.81
C ARG A 124 -12.22 19.59 9.12
N ASP A 125 -13.24 19.49 10.00
CA ASP A 125 -13.10 18.88 11.31
C ASP A 125 -13.65 17.47 11.45
N VAL A 126 -12.81 16.59 12.00
CA VAL A 126 -13.23 15.23 12.25
C VAL A 126 -13.24 15.03 13.69
N TYR A 127 -14.42 14.65 14.20
CA TYR A 127 -14.63 14.39 15.60
C TYR A 127 -14.38 12.94 16.04
N LEU A 128 -13.37 12.82 16.88
CA LEU A 128 -12.92 11.54 17.47
C LEU A 128 -13.41 11.29 18.93
N PRO A 129 -13.74 10.05 19.20
CA PRO A 129 -14.15 9.70 20.55
C PRO A 129 -12.98 9.82 21.52
N LYS A 130 -13.26 10.09 22.80
CA LYS A 130 -12.12 10.14 23.75
C LYS A 130 -12.15 8.95 24.67
N PRO A 131 -11.17 8.10 24.51
CA PRO A 131 -10.13 8.27 23.54
C PRO A 131 -10.40 7.47 22.30
N SER A 132 -9.50 7.60 21.32
CA SER A 132 -9.61 6.81 20.13
C SER A 132 -8.34 6.07 19.97
N TRP A 133 -8.26 5.27 18.94
CA TRP A 133 -7.03 4.54 18.63
C TRP A 133 -6.01 5.63 18.26
N GLY A 134 -4.77 5.42 18.58
CA GLY A 134 -3.74 6.38 18.34
C GLY A 134 -3.50 6.87 16.94
N ASN A 135 -3.62 5.91 16.07
CA ASN A 135 -3.41 6.20 14.67
C ASN A 135 -4.44 7.10 14.03
N HIS A 136 -5.58 7.23 14.67
CA HIS A 136 -6.51 8.05 13.99
C HIS A 136 -6.10 9.45 13.83
N THR A 137 -5.44 9.94 14.83
CA THR A 137 -5.05 11.31 14.78
C THR A 137 -4.21 11.69 13.61
N PRO A 138 -3.08 10.99 13.48
CA PRO A 138 -2.18 11.25 12.39
C PRO A 138 -2.75 10.93 11.06
N ILE A 139 -3.61 9.95 10.97
CA ILE A 139 -4.16 9.66 9.67
C ILE A 139 -4.87 10.88 9.13
N PHE A 140 -5.73 11.46 9.95
CA PHE A 140 -6.50 12.65 9.52
C PHE A 140 -5.70 13.95 9.33
N ARG A 141 -4.72 14.04 10.22
CA ARG A 141 -3.86 15.17 10.27
C ARG A 141 -3.02 15.18 9.04
N ASP A 142 -2.35 14.09 8.82
CA ASP A 142 -1.50 13.93 7.68
C ASP A 142 -2.33 14.13 6.47
N ALA A 143 -3.61 13.74 6.56
CA ALA A 143 -4.47 13.91 5.40
C ALA A 143 -4.93 15.34 5.11
N GLY A 144 -4.66 16.22 6.05
CA GLY A 144 -5.05 17.60 5.91
C GLY A 144 -6.38 17.93 6.62
N LEU A 145 -6.91 17.06 7.53
CA LEU A 145 -8.19 17.43 8.16
C LEU A 145 -7.93 17.94 9.55
N GLN A 146 -8.89 18.58 10.13
CA GLN A 146 -8.72 19.12 11.47
C GLN A 146 -9.29 18.17 12.55
N LEU A 147 -8.65 17.98 13.66
CA LEU A 147 -9.21 17.05 14.62
C LEU A 147 -10.06 17.58 15.80
N GLN A 148 -11.20 16.94 16.09
CA GLN A 148 -12.03 17.25 17.23
C GLN A 148 -12.36 15.98 17.99
N ALA A 149 -13.05 16.19 19.10
CA ALA A 149 -13.38 15.09 19.97
C ALA A 149 -14.73 15.16 20.70
N TYR A 150 -15.25 14.03 21.02
CA TYR A 150 -16.47 14.03 21.75
C TYR A 150 -16.17 13.06 22.84
N ARG A 151 -16.84 13.27 23.95
CA ARG A 151 -16.65 12.43 25.12
C ARG A 151 -17.11 11.01 24.84
N TYR A 152 -16.42 10.06 25.47
CA TYR A 152 -16.80 8.67 25.22
C TYR A 152 -16.70 7.73 26.43
N TYR A 153 -15.43 7.66 26.90
CA TYR A 153 -15.10 6.80 28.02
C TYR A 153 -14.89 7.53 29.29
N ASP A 154 -15.67 7.12 30.28
CA ASP A 154 -15.42 7.75 31.54
C ASP A 154 -14.55 6.79 32.30
N PRO A 155 -13.43 7.28 32.70
CA PRO A 155 -12.52 6.45 33.42
C PRO A 155 -12.83 6.33 34.87
N LYS A 156 -13.55 7.25 35.45
CA LYS A 156 -13.77 7.07 36.86
C LYS A 156 -14.54 5.79 37.21
N THR A 157 -15.56 5.57 36.39
CA THR A 157 -16.52 4.50 36.38
C THR A 157 -16.18 3.34 35.46
N CYS A 158 -15.17 3.62 34.61
CA CYS A 158 -14.65 2.68 33.62
C CYS A 158 -15.78 2.19 32.74
N SER A 159 -16.57 3.11 32.23
CA SER A 159 -17.67 2.75 31.39
C SER A 159 -17.94 3.92 30.51
N LEU A 160 -18.70 3.64 29.45
CA LEU A 160 -19.04 4.66 28.46
C LEU A 160 -19.79 5.77 29.11
N ASP A 161 -19.51 7.00 28.72
CA ASP A 161 -20.17 8.19 29.27
C ASP A 161 -21.16 8.67 28.26
N PHE A 162 -22.19 7.87 28.10
CA PHE A 162 -23.24 8.18 27.19
C PHE A 162 -23.79 9.60 27.28
N THR A 163 -23.91 10.12 28.52
CA THR A 163 -24.43 11.48 28.71
C THR A 163 -23.55 12.54 28.07
N GLY A 164 -22.30 12.59 28.46
CA GLY A 164 -21.33 13.55 27.93
C GLY A 164 -21.24 13.45 26.42
N ALA A 165 -21.08 12.18 26.00
CA ALA A 165 -21.02 11.84 24.60
C ALA A 165 -22.16 12.55 23.92
N MET A 166 -23.36 12.25 24.39
CA MET A 166 -24.54 12.94 23.86
C MET A 166 -24.44 14.45 23.97
N GLU A 167 -23.92 15.02 25.03
CA GLU A 167 -23.86 16.48 25.03
C GLU A 167 -22.93 16.95 23.91
N ASP A 168 -21.76 16.33 23.93
CA ASP A 168 -20.77 16.67 22.99
C ASP A 168 -21.30 16.52 21.60
N ILE A 169 -21.87 15.35 21.37
CA ILE A 169 -22.41 15.12 20.08
C ILE A 169 -23.42 16.14 19.57
N SER A 170 -24.46 16.42 20.33
CA SER A 170 -25.53 17.33 19.91
C SER A 170 -25.17 18.72 19.47
N LYS A 171 -23.98 19.19 19.91
CA LYS A 171 -23.40 20.51 19.65
C LYS A 171 -22.28 20.49 18.62
N ILE A 172 -22.15 19.39 17.91
CA ILE A 172 -21.14 19.31 16.89
C ILE A 172 -21.76 20.21 15.83
N PRO A 173 -20.96 21.00 15.15
CA PRO A 173 -21.55 21.87 14.15
C PRO A 173 -22.18 21.06 13.00
N GLU A 174 -23.23 21.55 12.28
CA GLU A 174 -23.81 20.69 11.23
C GLU A 174 -22.91 20.40 10.01
N LYS A 175 -23.03 19.16 9.55
CA LYS A 175 -22.30 18.69 8.39
C LYS A 175 -20.84 18.52 8.67
N SER A 176 -20.47 17.97 9.88
CA SER A 176 -19.05 17.72 10.22
C SER A 176 -18.81 16.26 10.21
N ILE A 177 -17.58 15.95 10.46
CA ILE A 177 -17.31 14.54 10.46
C ILE A 177 -17.15 13.95 11.81
N ILE A 178 -17.82 12.86 12.08
CA ILE A 178 -17.70 12.20 13.38
C ILE A 178 -17.23 10.77 13.04
N LEU A 179 -16.19 10.25 13.66
CA LEU A 179 -15.62 8.92 13.40
C LEU A 179 -16.30 8.00 14.41
N LEU A 180 -16.74 6.84 14.05
CA LEU A 180 -17.38 6.03 15.03
C LEU A 180 -16.87 4.67 14.84
N HIS A 181 -16.48 4.01 15.92
CA HIS A 181 -16.01 2.67 15.81
C HIS A 181 -17.22 1.75 15.75
N ALA A 182 -17.34 1.07 14.60
CA ALA A 182 -18.43 0.12 14.43
C ALA A 182 -18.64 -0.85 15.57
N CYS A 183 -17.58 -1.36 16.22
CA CYS A 183 -17.68 -2.32 17.33
C CYS A 183 -16.35 -2.56 17.94
N ALA A 184 -16.31 -3.03 19.16
CA ALA A 184 -14.99 -3.28 19.70
C ALA A 184 -14.17 -2.00 19.75
N HIS A 185 -14.70 -1.08 20.55
CA HIS A 185 -14.02 0.15 20.64
C HIS A 185 -12.55 -0.03 21.10
N ASN A 186 -11.64 0.39 20.27
CA ASN A 186 -10.23 0.31 20.58
C ASN A 186 -9.81 1.65 21.11
N PRO A 187 -9.21 1.76 22.24
CA PRO A 187 -8.80 0.72 23.20
C PRO A 187 -9.73 0.30 24.33
N THR A 188 -10.85 0.97 24.46
CA THR A 188 -11.79 0.78 25.55
C THR A 188 -12.47 -0.49 25.62
N GLY A 189 -12.79 -1.01 24.49
CA GLY A 189 -13.46 -2.25 24.44
C GLY A 189 -14.83 -2.07 25.08
N VAL A 190 -15.41 -0.90 24.92
CA VAL A 190 -16.73 -0.56 25.46
C VAL A 190 -17.58 0.13 24.42
N ASP A 191 -18.65 -0.54 24.00
CA ASP A 191 -19.57 -0.09 22.94
C ASP A 191 -20.96 0.28 23.40
N PRO A 192 -21.66 1.14 22.67
CA PRO A 192 -22.98 1.51 23.04
C PRO A 192 -23.93 0.37 22.91
N ARG A 193 -24.92 0.42 23.74
CA ARG A 193 -25.83 -0.65 23.58
C ARG A 193 -26.71 -0.25 22.46
N GLN A 194 -27.37 -1.25 21.95
CA GLN A 194 -28.31 -1.11 20.87
C GLN A 194 -29.22 0.13 21.11
N GLU A 195 -29.76 0.28 22.30
CA GLU A 195 -30.55 1.45 22.56
C GLU A 195 -29.74 2.78 22.51
N GLN A 196 -28.46 2.72 22.78
CA GLN A 196 -27.67 3.96 22.73
C GLN A 196 -27.27 4.32 21.32
N TRP A 197 -27.08 3.22 20.56
CA TRP A 197 -26.75 3.25 19.17
C TRP A 197 -27.97 3.88 18.46
N LYS A 198 -29.17 3.39 18.82
CA LYS A 198 -30.37 3.98 18.24
C LYS A 198 -30.43 5.47 18.64
N GLU A 199 -29.87 5.90 19.83
CA GLU A 199 -29.91 7.35 20.20
C GLU A 199 -29.02 8.17 19.33
N LEU A 200 -27.79 7.68 19.25
CA LEU A 200 -26.72 8.22 18.51
C LEU A 200 -27.19 8.48 17.07
N ALA A 201 -27.79 7.45 16.43
CA ALA A 201 -28.27 7.56 15.04
C ALA A 201 -29.12 8.80 14.88
N SER A 202 -30.14 8.83 15.72
CA SER A 202 -31.08 9.92 15.81
C SER A 202 -30.35 11.28 15.66
N VAL A 203 -29.37 11.60 16.51
CA VAL A 203 -28.71 12.89 16.33
C VAL A 203 -27.78 13.04 15.16
N VAL A 204 -27.17 11.96 14.71
CA VAL A 204 -26.29 12.26 13.62
C VAL A 204 -27.14 12.54 12.47
N LYS A 205 -28.31 12.01 12.58
CA LYS A 205 -29.20 12.26 11.49
C LYS A 205 -29.67 13.68 11.59
N LYS A 206 -29.88 14.04 12.80
CA LYS A 206 -30.40 15.32 13.06
C LYS A 206 -29.39 16.44 12.86
N ARG A 207 -28.19 16.27 13.36
CA ARG A 207 -27.28 17.36 13.17
C ARG A 207 -26.82 17.29 11.78
N ASN A 208 -27.05 16.11 11.27
CA ASN A 208 -26.71 15.89 9.90
C ASN A 208 -25.21 15.99 9.56
N LEU A 209 -24.50 15.17 10.36
CA LEU A 209 -23.10 14.89 10.40
C LEU A 209 -22.76 13.83 9.38
N LEU A 210 -21.50 13.63 9.03
CA LEU A 210 -21.09 12.62 8.07
C LEU A 210 -20.52 11.54 8.95
N ALA A 211 -21.05 10.32 8.85
CA ALA A 211 -20.53 9.29 9.72
C ALA A 211 -19.50 8.39 9.11
N TYR A 212 -18.36 8.51 9.67
CA TYR A 212 -17.27 7.71 9.20
C TYR A 212 -17.16 6.49 10.06
N PHE A 213 -17.51 5.33 9.58
CA PHE A 213 -17.28 4.19 10.44
C PHE A 213 -15.88 3.53 10.20
N ASP A 214 -15.24 3.15 11.31
CA ASP A 214 -14.01 2.38 11.32
C ASP A 214 -14.53 1.01 11.78
N MET A 215 -14.45 -0.05 10.95
CA MET A 215 -14.87 -1.41 11.30
C MET A 215 -13.69 -2.36 11.14
N ALA A 216 -12.96 -2.66 12.23
CA ALA A 216 -11.77 -3.55 12.22
C ALA A 216 -11.95 -4.98 12.78
N TYR A 217 -12.83 -5.11 13.77
CA TYR A 217 -13.12 -6.34 14.46
C TYR A 217 -14.51 -6.82 14.16
N GLN A 218 -14.83 -6.95 12.90
CA GLN A 218 -16.17 -7.38 12.72
C GLN A 218 -16.09 -8.85 13.08
N GLY A 219 -16.85 -9.30 14.11
CA GLY A 219 -16.86 -10.71 14.57
C GLY A 219 -16.20 -10.95 15.94
N PHE A 220 -15.45 -9.98 16.38
CA PHE A 220 -14.73 -10.14 17.63
C PHE A 220 -15.35 -9.58 18.85
N ALA A 221 -16.45 -8.89 18.72
CA ALA A 221 -17.01 -8.33 19.93
C ALA A 221 -18.02 -9.28 20.49
N SER A 222 -18.85 -9.76 19.56
CA SER A 222 -19.89 -10.69 19.87
C SER A 222 -19.58 -12.11 19.50
N GLY A 223 -18.86 -12.34 18.44
CA GLY A 223 -18.55 -13.69 18.00
C GLY A 223 -19.37 -13.99 16.78
N ASP A 224 -20.27 -13.08 16.45
CA ASP A 224 -21.22 -13.08 15.35
C ASP A 224 -20.98 -11.86 14.45
N ILE A 225 -20.67 -12.12 13.18
CA ILE A 225 -20.41 -11.00 12.25
C ILE A 225 -21.61 -10.07 12.00
N ASN A 226 -22.79 -10.68 11.82
CA ASN A 226 -23.99 -9.88 11.60
C ASN A 226 -24.34 -9.00 12.81
N ARG A 227 -24.16 -9.57 13.97
CA ARG A 227 -24.44 -8.85 15.19
C ARG A 227 -23.50 -7.64 15.33
N ASP A 228 -22.21 -7.88 14.99
CA ASP A 228 -21.25 -6.81 15.05
C ASP A 228 -21.59 -5.61 14.06
N ALA A 229 -22.22 -5.86 12.90
CA ALA A 229 -22.55 -4.76 11.99
C ALA A 229 -23.92 -4.12 12.20
N TRP A 230 -24.59 -4.49 13.27
CA TRP A 230 -25.90 -3.95 13.51
C TRP A 230 -26.07 -2.37 13.42
N ALA A 231 -25.22 -1.67 14.08
CA ALA A 231 -25.29 -0.24 14.09
C ALA A 231 -24.99 0.38 12.76
N LEU A 232 -23.98 -0.19 12.06
CA LEU A 232 -23.51 0.31 10.76
C LEU A 232 -24.80 0.25 9.99
N ARG A 233 -25.25 -0.96 9.83
CA ARG A 233 -26.49 -1.23 9.20
C ARG A 233 -27.61 -0.46 9.81
N HIS A 234 -27.55 -0.23 11.09
CA HIS A 234 -28.67 0.53 11.63
C HIS A 234 -28.79 1.93 11.00
N PHE A 235 -27.71 2.64 11.11
CA PHE A 235 -27.59 3.97 10.61
C PHE A 235 -27.96 4.10 9.17
N ILE A 236 -27.59 3.07 8.40
CA ILE A 236 -27.89 3.11 7.01
C ILE A 236 -29.38 3.10 6.75
N GLU A 237 -30.10 2.19 7.42
CA GLU A 237 -31.54 2.13 7.23
C GLU A 237 -32.23 3.37 7.73
N GLN A 238 -31.60 4.02 8.63
CA GLN A 238 -32.16 5.20 9.15
C GLN A 238 -31.93 6.31 8.21
N GLY A 239 -31.35 5.97 7.07
CA GLY A 239 -31.05 6.93 6.04
C GLY A 239 -29.75 7.68 6.24
N ILE A 240 -28.92 7.30 7.21
CA ILE A 240 -27.66 7.99 7.37
C ILE A 240 -26.73 7.39 6.30
N ASP A 241 -26.23 8.19 5.35
CA ASP A 241 -25.37 7.65 4.26
C ASP A 241 -23.90 7.69 4.72
N VAL A 242 -23.34 6.53 5.06
CA VAL A 242 -22.01 6.46 5.60
C VAL A 242 -20.77 6.18 4.71
N VAL A 243 -19.65 6.43 5.41
CA VAL A 243 -18.38 6.11 4.86
C VAL A 243 -17.87 5.07 5.88
N LEU A 244 -17.14 4.10 5.38
CA LEU A 244 -16.68 3.01 6.14
C LEU A 244 -15.34 2.44 5.65
N SER A 245 -14.56 1.96 6.64
CA SER A 245 -13.26 1.35 6.47
C SER A 245 -13.26 -0.12 6.97
N GLN A 246 -12.61 -1.06 6.28
CA GLN A 246 -12.60 -2.45 6.73
C GLN A 246 -11.17 -3.04 6.87
N SER A 247 -10.95 -3.92 7.86
CA SER A 247 -9.68 -4.58 8.04
C SER A 247 -9.97 -6.06 8.07
N TYR A 248 -9.12 -6.82 7.46
CA TYR A 248 -9.36 -8.24 7.47
C TYR A 248 -8.19 -8.84 8.23
N ALA A 249 -7.51 -7.88 8.78
CA ALA A 249 -6.33 -8.12 9.54
C ALA A 249 -6.52 -8.99 10.76
N LYS A 250 -7.56 -8.73 11.53
CA LYS A 250 -7.79 -9.43 12.76
C LYS A 250 -8.73 -10.60 12.59
N ASN A 251 -9.92 -10.26 12.10
CA ASN A 251 -10.90 -11.26 11.86
C ASN A 251 -10.45 -12.35 10.85
N MET A 252 -9.61 -12.10 9.85
CA MET A 252 -9.21 -13.20 8.97
C MET A 252 -7.80 -13.58 9.32
N GLY A 253 -7.26 -12.85 10.31
CA GLY A 253 -5.88 -13.05 10.75
C GLY A 253 -4.94 -13.02 9.53
N LEU A 254 -5.10 -11.97 8.71
CA LEU A 254 -4.36 -11.74 7.46
C LEU A 254 -3.38 -10.54 7.55
N TYR A 255 -3.01 -10.18 8.79
CA TYR A 255 -2.11 -9.10 9.19
C TYR A 255 -1.18 -8.63 8.11
N GLY A 256 0.06 -9.07 8.07
CA GLY A 256 0.96 -8.59 6.98
C GLY A 256 0.55 -8.80 5.47
N GLU A 257 -0.56 -9.39 5.14
CA GLU A 257 -0.92 -9.52 3.76
C GLU A 257 -1.61 -8.21 3.31
N ARG A 258 -1.95 -7.37 4.30
CA ARG A 258 -2.59 -6.04 4.08
C ARG A 258 -3.90 -5.98 3.32
N ALA A 259 -4.99 -6.61 3.79
CA ALA A 259 -6.25 -6.57 3.01
C ALA A 259 -7.38 -5.83 3.66
N GLY A 260 -8.01 -4.91 2.94
CA GLY A 260 -9.08 -4.13 3.52
C GLY A 260 -9.79 -3.31 2.46
N ALA A 261 -10.77 -2.51 2.88
CA ALA A 261 -11.46 -1.74 1.89
C ALA A 261 -12.15 -0.52 2.41
N PHE A 262 -12.38 0.40 1.49
CA PHE A 262 -13.09 1.64 1.77
C PHE A 262 -14.30 1.75 0.86
N THR A 263 -15.37 2.21 1.47
CA THR A 263 -16.69 2.30 0.88
C THR A 263 -17.48 3.54 1.33
N VAL A 264 -18.11 4.19 0.40
CA VAL A 264 -18.92 5.40 0.55
C VAL A 264 -20.32 5.05 -0.06
N ILE A 265 -21.36 5.37 0.70
CA ILE A 265 -22.71 5.12 0.35
C ILE A 265 -23.15 6.37 -0.34
N CYS A 266 -23.72 6.15 -1.51
CA CYS A 266 -24.16 7.22 -2.34
C CYS A 266 -25.64 7.13 -2.56
N ARG A 267 -26.19 8.22 -3.05
CA ARG A 267 -27.58 8.43 -3.35
C ARG A 267 -28.06 7.50 -4.44
N ASP A 268 -27.24 7.32 -5.47
CA ASP A 268 -27.55 6.53 -6.65
C ASP A 268 -26.42 5.61 -7.00
N ALA A 269 -26.60 4.86 -8.08
CA ALA A 269 -25.58 3.97 -8.59
C ALA A 269 -24.75 4.86 -9.50
N GLU A 270 -25.49 5.78 -10.12
CA GLU A 270 -24.96 6.77 -11.04
C GLU A 270 -23.89 7.54 -10.33
N GLU A 271 -24.27 8.15 -9.22
CA GLU A 271 -23.36 8.92 -8.38
C GLU A 271 -22.14 8.10 -7.88
N ALA A 272 -22.38 6.86 -7.44
CA ALA A 272 -21.31 5.98 -6.98
C ALA A 272 -20.23 5.87 -8.12
N LYS A 273 -20.73 5.74 -9.32
CA LYS A 273 -19.88 5.64 -10.44
C LYS A 273 -19.01 6.88 -10.52
N ARG A 274 -19.56 8.04 -10.20
CA ARG A 274 -18.79 9.28 -10.23
C ARG A 274 -17.73 9.38 -9.14
N VAL A 275 -18.07 8.78 -7.99
CA VAL A 275 -17.13 8.84 -6.91
C VAL A 275 -16.03 7.86 -7.16
N GLU A 276 -16.45 6.71 -7.66
CA GLU A 276 -15.47 5.73 -7.93
C GLU A 276 -14.33 6.25 -8.82
N SER A 277 -14.70 6.99 -9.86
CA SER A 277 -13.74 7.60 -10.78
C SER A 277 -12.71 8.36 -9.97
N GLN A 278 -13.24 9.31 -9.13
CA GLN A 278 -12.44 10.16 -8.24
C GLN A 278 -11.57 9.36 -7.32
N LEU A 279 -12.21 8.39 -6.67
CA LEU A 279 -11.51 7.54 -5.76
C LEU A 279 -10.32 6.95 -6.47
N LYS A 280 -10.53 6.37 -7.64
CA LYS A 280 -9.38 5.82 -8.30
C LYS A 280 -8.35 6.89 -8.61
N ILE A 281 -8.84 8.07 -8.97
CA ILE A 281 -7.91 9.12 -9.32
C ILE A 281 -7.02 9.45 -8.17
N LEU A 282 -7.47 9.09 -7.01
CA LEU A 282 -6.70 9.40 -5.84
C LEU A 282 -5.65 8.34 -5.55
N ILE A 283 -6.03 7.09 -5.80
CA ILE A 283 -5.16 5.97 -5.58
C ILE A 283 -3.98 5.83 -6.49
N ARG A 284 -4.17 6.11 -7.80
CA ARG A 284 -3.06 5.92 -8.71
C ARG A 284 -1.77 6.63 -8.32
N PRO A 285 -1.88 7.92 -8.04
CA PRO A 285 -0.70 8.67 -7.65
C PRO A 285 -0.27 8.34 -6.27
N MET A 286 -0.95 7.37 -5.63
CA MET A 286 -0.63 6.92 -4.28
C MET A 286 0.12 5.65 -4.27
N TYR A 287 -0.39 4.61 -4.91
CA TYR A 287 0.38 3.41 -4.94
C TYR A 287 0.00 2.64 -6.15
N SER A 288 -0.56 3.38 -7.12
CA SER A 288 -1.00 2.86 -8.43
C SER A 288 -2.10 1.82 -8.35
N ASN A 289 -1.88 0.62 -7.69
CA ASN A 289 -2.92 -0.42 -7.52
C ASN A 289 -2.59 -1.30 -6.32
N PRO A 290 -3.59 -1.91 -5.64
CA PRO A 290 -3.33 -2.66 -4.44
C PRO A 290 -2.71 -4.02 -4.61
N PRO A 291 -1.99 -4.45 -3.51
CA PRO A 291 -1.29 -5.72 -3.36
C PRO A 291 -2.36 -6.80 -3.63
N MET A 292 -2.06 -8.01 -4.19
CA MET A 292 -3.16 -8.95 -4.51
C MET A 292 -3.31 -10.19 -3.73
N ASN A 293 -2.25 -10.58 -3.07
CA ASN A 293 -2.36 -11.81 -2.33
C ASN A 293 -3.55 -11.89 -1.36
N GLY A 294 -3.55 -11.02 -0.35
CA GLY A 294 -4.61 -10.98 0.65
C GLY A 294 -6.05 -10.95 0.11
N ALA A 295 -6.29 -10.21 -0.94
CA ALA A 295 -7.61 -10.13 -1.52
C ALA A 295 -8.09 -11.48 -2.17
N ARG A 296 -7.14 -12.15 -2.81
CA ARG A 296 -7.46 -13.41 -3.41
C ARG A 296 -7.92 -14.35 -2.31
N ILE A 297 -7.25 -14.31 -1.26
CA ILE A 297 -7.64 -15.19 -0.22
C ILE A 297 -8.96 -14.86 0.36
N ALA A 298 -9.07 -13.57 0.62
CA ALA A 298 -10.27 -13.12 1.26
C ALA A 298 -11.46 -13.32 0.42
N SER A 299 -11.26 -13.10 -0.83
CA SER A 299 -12.38 -13.24 -1.67
C SER A 299 -12.69 -14.67 -1.88
N LEU A 300 -11.70 -15.50 -1.70
CA LEU A 300 -11.85 -16.92 -1.90
C LEU A 300 -12.71 -17.53 -0.82
N ILE A 301 -12.58 -16.97 0.35
CA ILE A 301 -13.31 -17.42 1.52
C ILE A 301 -14.71 -16.88 1.58
N LEU A 302 -14.86 -15.60 1.33
CA LEU A 302 -16.11 -14.89 1.36
C LEU A 302 -16.91 -15.31 0.18
N ASN A 303 -16.28 -15.97 -0.74
CA ASN A 303 -17.05 -16.32 -1.91
C ASN A 303 -17.27 -17.79 -2.19
N THR A 304 -16.75 -18.64 -1.34
CA THR A 304 -16.85 -20.08 -1.40
C THR A 304 -17.47 -20.55 -0.09
N PRO A 305 -18.66 -21.04 -0.25
CA PRO A 305 -19.49 -21.44 0.82
C PRO A 305 -18.94 -22.21 1.92
N GLU A 306 -18.09 -23.17 1.62
CA GLU A 306 -17.47 -24.06 2.59
C GLU A 306 -16.59 -23.30 3.49
N LEU A 307 -15.84 -22.48 2.75
CA LEU A 307 -14.84 -21.56 3.24
C LEU A 307 -15.50 -20.51 4.09
N ARG A 308 -16.61 -20.00 3.59
CA ARG A 308 -17.22 -18.99 4.38
C ARG A 308 -17.71 -19.53 5.70
N LYS A 309 -18.23 -20.79 5.66
CA LYS A 309 -18.80 -21.48 6.83
C LYS A 309 -17.77 -21.72 7.88
N GLU A 310 -16.66 -22.33 7.43
CA GLU A 310 -15.60 -22.61 8.38
C GLU A 310 -14.96 -21.35 9.00
N TRP A 311 -14.97 -20.27 8.22
CA TRP A 311 -14.44 -18.99 8.66
C TRP A 311 -15.28 -18.52 9.83
N LEU A 312 -16.59 -18.68 9.68
CA LEU A 312 -17.48 -18.27 10.72
C LEU A 312 -17.31 -19.13 11.95
N VAL A 313 -17.01 -20.34 11.71
CA VAL A 313 -16.83 -21.10 12.88
C VAL A 313 -15.46 -20.79 13.50
N GLU A 314 -14.47 -20.45 12.62
CA GLU A 314 -13.14 -20.10 13.08
C GLU A 314 -13.09 -18.81 13.85
N VAL A 315 -13.87 -17.83 13.34
CA VAL A 315 -13.91 -16.56 14.04
C VAL A 315 -14.61 -16.71 15.35
N LYS A 316 -15.71 -17.52 15.41
CA LYS A 316 -16.40 -17.67 16.66
C LYS A 316 -15.49 -18.38 17.64
N GLY A 317 -14.78 -19.36 17.16
CA GLY A 317 -13.90 -20.01 18.11
C GLY A 317 -12.86 -19.13 18.80
N MET A 318 -12.40 -18.11 18.04
CA MET A 318 -11.41 -17.08 18.36
C MET A 318 -11.91 -16.20 19.48
N ALA A 319 -13.15 -15.83 19.30
CA ALA A 319 -13.94 -14.98 20.17
C ALA A 319 -14.22 -15.67 21.50
N ASP A 320 -14.53 -16.94 21.42
CA ASP A 320 -14.78 -17.64 22.64
C ASP A 320 -13.44 -17.68 23.42
N ARG A 321 -12.34 -18.00 22.72
CA ARG A 321 -11.01 -18.09 23.33
C ARG A 321 -10.69 -16.92 24.22
N ILE A 322 -10.74 -15.75 23.65
CA ILE A 322 -10.53 -14.54 24.37
C ILE A 322 -11.47 -14.47 25.58
N ILE A 323 -12.75 -14.90 25.45
CA ILE A 323 -13.64 -14.85 26.66
C ILE A 323 -13.06 -15.78 27.76
N SER A 324 -12.51 -16.95 27.34
CA SER A 324 -11.93 -17.84 28.33
C SER A 324 -10.79 -17.18 29.08
N MET A 325 -9.86 -16.59 28.31
CA MET A 325 -8.71 -15.91 28.86
C MET A 325 -9.11 -14.82 29.81
N ARG A 326 -10.09 -14.01 29.41
CA ARG A 326 -10.62 -12.90 30.23
C ARG A 326 -10.95 -13.44 31.61
N THR A 327 -11.95 -14.30 31.62
CA THR A 327 -12.41 -14.98 32.80
C THR A 327 -11.24 -15.55 33.65
N GLN A 328 -10.49 -16.48 33.06
CA GLN A 328 -9.35 -17.05 33.74
C GLN A 328 -8.43 -16.00 34.38
N LEU A 329 -8.20 -14.99 33.58
CA LEU A 329 -7.38 -13.92 34.06
C LEU A 329 -7.91 -13.36 35.43
N VAL A 330 -9.23 -13.11 35.46
CA VAL A 330 -9.73 -12.61 36.71
C VAL A 330 -9.75 -13.63 37.81
N SER A 331 -10.02 -14.84 37.46
CA SER A 331 -10.06 -15.69 38.58
C SER A 331 -8.70 -15.98 39.04
N ASN A 332 -7.74 -15.85 38.14
CA ASN A 332 -6.38 -16.11 38.55
C ASN A 332 -5.85 -15.00 39.46
N LEU A 333 -6.34 -13.81 39.19
CA LEU A 333 -5.98 -12.61 39.91
C LEU A 333 -6.48 -12.73 41.36
N LYS A 334 -7.63 -13.40 41.50
CA LYS A 334 -8.31 -13.65 42.78
C LYS A 334 -7.46 -14.57 43.62
N LYS A 335 -7.15 -15.70 43.03
CA LYS A 335 -6.34 -16.73 43.63
C LYS A 335 -4.93 -16.16 44.01
N GLU A 336 -4.41 -15.22 43.24
CA GLU A 336 -3.13 -14.71 43.58
C GLU A 336 -3.25 -13.81 44.76
N GLY A 337 -4.50 -13.37 45.01
CA GLY A 337 -4.94 -12.50 46.12
C GLY A 337 -5.15 -11.02 45.82
N SER A 338 -5.45 -10.61 44.60
CA SER A 338 -5.59 -9.18 44.27
C SER A 338 -6.71 -8.44 44.92
N SER A 339 -6.41 -7.58 45.87
CA SER A 339 -7.42 -6.78 46.57
C SER A 339 -8.52 -6.18 45.71
N HIS A 340 -8.15 -5.70 44.52
CA HIS A 340 -9.04 -5.00 43.60
C HIS A 340 -10.13 -5.71 42.83
N ASN A 341 -10.98 -4.90 42.14
CA ASN A 341 -12.07 -5.33 41.26
C ASN A 341 -11.43 -5.35 39.87
N TRP A 342 -11.58 -6.44 39.20
CA TRP A 342 -11.03 -6.62 37.91
C TRP A 342 -12.19 -7.05 36.99
N GLN A 343 -13.37 -6.49 37.27
CA GLN A 343 -14.59 -6.78 36.50
C GLN A 343 -14.50 -6.33 35.04
N HIS A 344 -13.89 -5.17 34.84
CA HIS A 344 -13.76 -4.65 33.52
C HIS A 344 -13.06 -5.63 32.60
N ILE A 345 -12.20 -6.45 33.19
CA ILE A 345 -11.55 -7.43 32.37
C ILE A 345 -12.59 -8.32 31.63
N THR A 346 -13.61 -8.68 32.40
CA THR A 346 -14.66 -9.48 31.79
C THR A 346 -15.78 -8.60 31.22
N ASP A 347 -15.77 -7.32 31.44
CA ASP A 347 -16.86 -6.54 30.88
C ASP A 347 -16.63 -6.04 29.50
N GLN A 348 -15.38 -5.70 29.25
CA GLN A 348 -14.86 -5.21 27.98
C GLN A 348 -14.88 -6.27 26.90
N ILE A 349 -15.22 -5.90 25.68
CA ILE A 349 -15.22 -6.85 24.54
C ILE A 349 -14.06 -6.62 23.51
N GLY A 350 -13.96 -7.42 22.44
CA GLY A 350 -12.86 -7.23 21.48
C GLY A 350 -11.53 -7.87 21.95
N MET A 351 -10.39 -7.61 21.32
CA MET A 351 -9.16 -8.26 21.73
C MET A 351 -8.58 -7.77 23.02
N PHE A 352 -8.98 -6.60 23.39
CA PHE A 352 -8.40 -6.06 24.55
C PHE A 352 -9.23 -5.76 25.76
N CYS A 353 -8.43 -5.40 26.72
CA CYS A 353 -8.71 -4.98 28.04
C CYS A 353 -7.98 -3.71 28.32
N PHE A 354 -8.74 -2.73 28.72
CA PHE A 354 -8.21 -1.43 29.07
C PHE A 354 -8.13 -1.47 30.57
N THR A 355 -6.99 -1.91 31.08
CA THR A 355 -6.77 -2.15 32.49
C THR A 355 -6.72 -1.06 33.47
N GLY A 356 -6.54 0.19 33.06
CA GLY A 356 -6.46 1.16 34.14
C GLY A 356 -5.10 1.18 34.88
N LEU A 357 -4.12 0.39 34.45
CA LEU A 357 -2.85 0.46 35.11
C LEU A 357 -2.13 1.79 34.85
N LYS A 358 -1.23 2.16 35.75
CA LYS A 358 -0.43 3.38 35.61
C LYS A 358 0.89 3.02 34.96
N PRO A 359 1.44 4.09 34.37
CA PRO A 359 2.69 4.07 33.68
C PRO A 359 3.70 3.27 34.38
N GLU A 360 3.97 3.65 35.64
CA GLU A 360 4.90 2.93 36.49
C GLU A 360 4.58 1.45 36.43
N GLN A 361 3.31 1.06 36.81
CA GLN A 361 2.93 -0.35 36.77
C GLN A 361 3.33 -0.98 35.42
N VAL A 362 2.98 -0.31 34.32
CA VAL A 362 3.34 -0.91 33.08
C VAL A 362 4.82 -1.03 32.86
N GLU A 363 5.55 -0.07 33.36
CA GLU A 363 7.00 0.01 33.22
C GLU A 363 7.57 -1.17 33.94
N ARG A 364 6.96 -1.44 35.10
CA ARG A 364 7.34 -2.55 35.94
C ARG A 364 7.03 -3.84 35.25
N LEU A 365 5.95 -3.93 34.50
CA LEU A 365 5.68 -5.21 33.85
C LEU A 365 6.74 -5.57 32.81
N THR A 366 7.07 -4.59 32.00
CA THR A 366 8.03 -4.81 30.97
C THR A 366 9.39 -5.21 31.50
N LYS A 367 9.86 -4.35 32.41
CA LYS A 367 11.15 -4.50 33.09
C LYS A 367 11.37 -5.80 33.87
N GLU A 368 10.52 -6.05 34.88
CA GLU A 368 10.60 -7.24 35.74
C GLU A 368 10.15 -8.55 35.15
N PHE A 369 8.98 -8.51 34.52
CA PHE A 369 8.40 -9.69 33.93
C PHE A 369 8.50 -9.74 32.41
N SER A 370 8.93 -8.67 31.74
CA SER A 370 9.05 -8.73 30.28
C SER A 370 7.69 -8.85 29.62
N ILE A 371 6.69 -8.27 30.26
CA ILE A 371 5.38 -8.34 29.66
C ILE A 371 5.15 -7.03 28.93
N TYR A 372 4.98 -7.05 27.64
CA TYR A 372 4.84 -5.82 26.89
C TYR A 372 3.41 -5.33 26.55
N MET A 373 3.11 -4.07 26.96
CA MET A 373 1.81 -3.39 26.71
C MET A 373 1.90 -1.90 26.52
N THR A 374 0.84 -1.31 26.03
CA THR A 374 0.81 0.12 25.80
C THR A 374 0.73 0.90 27.11
N LYS A 375 1.57 1.92 27.19
CA LYS A 375 1.64 2.82 28.32
C LYS A 375 0.27 3.30 28.84
N ASP A 376 -0.82 3.11 28.09
CA ASP A 376 -2.07 3.56 28.63
C ASP A 376 -2.72 2.43 29.38
N GLY A 377 -1.92 1.39 29.56
CA GLY A 377 -2.31 0.19 30.24
C GLY A 377 -3.32 -0.67 29.47
N ARG A 378 -3.20 -0.71 28.15
CA ARG A 378 -4.11 -1.50 27.42
C ARG A 378 -3.47 -2.85 27.08
N ILE A 379 -4.00 -3.94 27.69
CA ILE A 379 -3.43 -5.26 27.40
C ILE A 379 -4.12 -6.03 26.26
N SER A 380 -3.29 -6.81 25.57
CA SER A 380 -3.87 -7.57 24.51
C SER A 380 -4.37 -8.87 25.08
N VAL A 381 -5.64 -8.96 25.16
CA VAL A 381 -6.08 -10.18 25.74
C VAL A 381 -5.91 -11.36 24.85
N ALA A 382 -6.19 -11.11 23.56
CA ALA A 382 -6.06 -12.12 22.49
C ALA A 382 -4.62 -12.69 22.43
N GLY A 383 -3.70 -12.04 23.13
CA GLY A 383 -2.31 -12.40 23.18
C GLY A 383 -2.01 -13.38 24.27
N VAL A 384 -2.97 -13.71 25.11
CA VAL A 384 -2.65 -14.69 26.15
C VAL A 384 -3.19 -16.08 25.90
N ALA A 385 -2.37 -17.03 26.28
CA ALA A 385 -2.62 -18.41 26.15
C ALA A 385 -2.91 -19.06 27.50
N SER A 386 -3.31 -20.29 27.40
CA SER A 386 -3.67 -21.01 28.58
C SER A 386 -2.49 -21.13 29.43
N SER A 387 -1.42 -21.40 28.74
CA SER A 387 -0.13 -21.57 29.33
C SER A 387 0.55 -20.35 29.98
N ASN A 388 0.19 -19.13 29.63
CA ASN A 388 0.87 -18.02 30.26
C ASN A 388 -0.05 -17.13 31.08
N VAL A 389 -1.32 -17.49 30.97
CA VAL A 389 -2.32 -16.78 31.66
C VAL A 389 -2.03 -16.45 33.17
N GLY A 390 -1.33 -17.40 33.87
CA GLY A 390 -0.97 -17.30 35.27
C GLY A 390 0.10 -16.26 35.49
N TYR A 391 1.11 -16.38 34.60
CA TYR A 391 2.25 -15.48 34.61
C TYR A 391 1.72 -14.08 34.66
N LEU A 392 0.94 -13.75 33.70
CA LEU A 392 0.33 -12.43 33.61
C LEU A 392 -0.36 -12.07 34.93
N ALA A 393 -1.21 -13.02 35.37
CA ALA A 393 -1.94 -12.86 36.60
C ALA A 393 -1.00 -12.48 37.75
N HIS A 394 0.01 -13.30 37.95
CA HIS A 394 0.99 -13.02 39.01
C HIS A 394 1.66 -11.63 38.86
N ALA A 395 2.03 -11.38 37.64
CA ALA A 395 2.64 -10.14 37.31
C ALA A 395 1.72 -9.00 37.73
N ILE A 396 0.60 -8.95 37.10
CA ILE A 396 -0.37 -7.94 37.39
C ILE A 396 -0.71 -7.87 38.85
N HIS A 397 -0.52 -8.97 39.51
CA HIS A 397 -0.78 -8.93 40.91
C HIS A 397 0.36 -8.16 41.58
N GLN A 398 1.60 -8.64 41.45
CA GLN A 398 2.83 -8.02 42.00
C GLN A 398 3.04 -6.52 41.74
N VAL A 399 2.66 -6.05 40.55
CA VAL A 399 2.79 -4.66 40.12
C VAL A 399 1.73 -3.71 40.73
N THR A 400 0.58 -4.30 41.13
CA THR A 400 -0.67 -3.77 41.71
C THR A 400 -1.03 -3.99 43.23
N LYS A 401 -0.39 -4.99 43.81
CA LYS A 401 -0.50 -5.41 45.20
C LYS A 401 -0.34 -4.26 46.16
N SER B 1 -30.41 16.63 -3.01
CA SER B 1 -29.08 17.13 -2.75
C SER B 1 -28.45 16.45 -1.56
N SER B 2 -27.26 15.93 -1.78
CA SER B 2 -26.57 15.27 -0.71
C SER B 2 -25.13 15.73 -0.58
N TRP B 3 -24.35 14.78 -0.12
CA TRP B 3 -22.96 14.86 0.13
C TRP B 3 -22.11 15.02 -1.11
N TRP B 4 -22.21 14.00 -1.99
CA TRP B 4 -21.43 13.86 -3.18
C TRP B 4 -22.06 14.26 -4.46
N SER B 5 -23.07 15.07 -4.35
CA SER B 5 -23.79 15.56 -5.51
C SER B 5 -22.93 16.33 -6.46
N HIS B 6 -21.98 16.97 -5.89
CA HIS B 6 -21.04 17.83 -6.58
C HIS B 6 -19.84 17.17 -7.24
N VAL B 7 -19.48 15.96 -6.81
CA VAL B 7 -18.38 15.28 -7.42
C VAL B 7 -18.66 14.88 -8.86
N GLU B 8 -17.84 15.39 -9.82
CA GLU B 8 -17.95 15.09 -11.27
C GLU B 8 -17.16 13.86 -11.73
N MET B 9 -17.51 13.36 -12.87
CA MET B 9 -16.85 12.20 -13.35
C MET B 9 -15.41 12.42 -13.77
N GLY B 10 -14.52 11.75 -13.12
CA GLY B 10 -13.13 11.90 -13.51
C GLY B 10 -12.85 10.97 -14.67
N PRO B 11 -11.77 11.18 -15.33
CA PRO B 11 -11.43 10.36 -16.47
C PRO B 11 -10.65 9.15 -16.12
N PRO B 12 -10.51 8.40 -17.13
CA PRO B 12 -9.80 7.18 -17.02
C PRO B 12 -8.31 7.39 -17.11
N ASP B 13 -7.58 6.64 -16.27
CA ASP B 13 -6.12 6.74 -16.30
C ASP B 13 -5.62 6.52 -17.69
N PRO B 14 -4.79 7.45 -18.09
CA PRO B 14 -4.16 7.48 -19.37
C PRO B 14 -3.43 6.23 -19.69
N ILE B 15 -2.87 5.59 -18.71
CA ILE B 15 -2.21 4.37 -19.02
C ILE B 15 -3.10 3.25 -18.64
N LEU B 16 -3.23 3.13 -17.32
CA LEU B 16 -4.05 2.13 -16.72
C LEU B 16 -5.39 1.92 -17.29
N GLY B 17 -6.10 2.97 -17.74
CA GLY B 17 -7.43 2.83 -18.31
C GLY B 17 -7.40 2.16 -19.69
N VAL B 18 -6.24 1.95 -20.22
CA VAL B 18 -6.22 1.31 -21.48
C VAL B 18 -6.54 -0.18 -21.29
N THR B 19 -6.02 -0.72 -20.19
CA THR B 19 -6.27 -2.10 -19.90
C THR B 19 -7.77 -2.38 -19.74
N GLU B 20 -8.40 -1.38 -19.11
CA GLU B 20 -9.81 -1.33 -18.82
C GLU B 20 -10.61 -1.57 -20.11
N ALA B 21 -10.27 -0.69 -21.03
CA ALA B 21 -10.87 -0.64 -22.32
C ALA B 21 -10.62 -1.92 -23.08
N PHE B 22 -9.37 -2.26 -22.94
CA PHE B 22 -8.87 -3.42 -23.56
C PHE B 22 -9.70 -4.62 -23.27
N LYS B 23 -9.97 -4.77 -21.99
CA LYS B 23 -10.73 -5.87 -21.48
C LYS B 23 -12.15 -5.86 -21.99
N ARG B 24 -12.65 -4.73 -22.34
CA ARG B 24 -14.01 -4.78 -22.78
C ARG B 24 -14.14 -5.24 -24.24
N ASP B 25 -13.04 -5.15 -25.01
CA ASP B 25 -13.02 -5.48 -26.44
C ASP B 25 -13.25 -6.91 -26.86
N THR B 26 -14.39 -7.21 -27.56
CA THR B 26 -14.67 -8.58 -28.05
C THR B 26 -13.81 -9.14 -29.21
N ASN B 27 -13.02 -8.37 -29.92
CA ASN B 27 -12.18 -8.91 -31.00
C ASN B 27 -11.19 -9.89 -30.41
N SER B 28 -11.03 -11.06 -31.02
CA SER B 28 -10.16 -12.15 -30.56
C SER B 28 -8.70 -11.98 -30.96
N LYS B 29 -8.51 -10.99 -31.81
CA LYS B 29 -7.22 -10.66 -32.31
C LYS B 29 -6.53 -9.58 -31.48
N LYS B 30 -7.27 -9.04 -30.50
CA LYS B 30 -6.85 -7.99 -29.61
C LYS B 30 -5.60 -8.27 -28.84
N MET B 31 -4.88 -7.15 -28.66
CA MET B 31 -3.62 -7.00 -28.00
C MET B 31 -3.58 -5.77 -27.11
N ASN B 32 -2.93 -5.86 -25.97
CA ASN B 32 -2.89 -4.69 -25.12
C ASN B 32 -1.48 -4.22 -24.96
N LEU B 33 -1.09 -3.22 -25.71
CA LEU B 33 0.25 -2.71 -25.66
C LEU B 33 0.23 -1.42 -24.89
N GLY B 34 -0.75 -1.32 -24.07
CA GLY B 34 -0.84 -0.13 -23.31
C GLY B 34 0.30 -0.15 -22.34
N VAL B 35 0.04 -0.71 -21.17
CA VAL B 35 1.01 -0.81 -20.07
C VAL B 35 2.03 -1.78 -20.47
N GLY B 36 3.17 -1.73 -19.75
CA GLY B 36 4.35 -2.55 -19.96
C GLY B 36 4.43 -3.74 -19.06
N ALA B 37 3.88 -4.85 -19.50
CA ALA B 37 3.83 -6.13 -18.81
C ALA B 37 4.27 -7.17 -19.80
N TYR B 38 5.20 -7.95 -19.39
CA TYR B 38 5.71 -8.95 -20.26
C TYR B 38 4.85 -10.21 -20.31
N ARG B 39 4.77 -10.51 -21.55
CA ARG B 39 4.14 -11.66 -22.10
C ARG B 39 5.27 -12.53 -22.62
N ASP B 40 4.99 -13.82 -22.71
CA ASP B 40 6.00 -14.71 -23.24
C ASP B 40 5.75 -14.88 -24.71
N ASP B 41 6.25 -15.95 -25.25
CA ASP B 41 6.06 -16.16 -26.67
C ASP B 41 4.71 -16.50 -27.26
N ASN B 42 3.83 -16.92 -26.35
CA ASN B 42 2.46 -17.26 -26.69
C ASN B 42 1.52 -16.15 -26.24
N GLY B 43 2.10 -15.03 -25.90
CA GLY B 43 1.29 -13.89 -25.46
C GLY B 43 0.72 -13.98 -24.04
N LYS B 44 1.26 -14.89 -23.24
CA LYS B 44 0.85 -15.14 -21.89
C LYS B 44 1.67 -14.46 -20.83
N PRO B 45 1.03 -14.24 -19.63
CA PRO B 45 1.67 -13.62 -18.50
C PRO B 45 2.69 -14.62 -18.09
N TYR B 46 3.90 -14.14 -17.78
CA TYR B 46 4.96 -15.01 -17.42
C TYR B 46 5.47 -14.76 -16.08
N VAL B 47 5.32 -15.80 -15.27
CA VAL B 47 5.79 -15.85 -13.91
C VAL B 47 7.11 -16.56 -13.98
N LEU B 48 8.12 -15.80 -13.74
CA LEU B 48 9.44 -16.30 -13.66
C LEU B 48 9.55 -17.55 -12.79
N ASN B 49 10.50 -18.34 -13.13
CA ASN B 49 10.67 -19.56 -12.40
C ASN B 49 11.18 -19.41 -11.01
N CYS B 50 12.15 -18.56 -10.81
CA CYS B 50 12.60 -18.45 -9.46
C CYS B 50 11.47 -17.95 -8.56
N VAL B 51 10.52 -17.16 -9.12
CA VAL B 51 9.37 -16.65 -8.36
C VAL B 51 8.59 -17.86 -7.84
N ARG B 52 8.28 -18.78 -8.77
CA ARG B 52 7.55 -19.98 -8.40
C ARG B 52 8.23 -20.76 -7.29
N LYS B 53 9.47 -20.99 -7.48
CA LYS B 53 10.20 -21.73 -6.53
C LYS B 53 10.19 -21.07 -5.22
N ALA B 54 10.36 -19.74 -5.19
CA ALA B 54 10.38 -19.09 -3.92
C ALA B 54 9.02 -19.20 -3.30
N GLU B 55 8.00 -19.07 -4.15
CA GLU B 55 6.61 -19.16 -3.67
C GLU B 55 6.39 -20.42 -2.89
N ALA B 56 7.01 -21.43 -3.37
CA ALA B 56 6.96 -22.73 -2.83
C ALA B 56 7.76 -22.89 -1.59
N MET B 57 8.87 -22.25 -1.54
CA MET B 57 9.65 -22.41 -0.34
C MET B 57 8.92 -21.69 0.75
N ILE B 58 8.10 -20.72 0.38
CA ILE B 58 7.47 -20.05 1.49
C ILE B 58 6.37 -20.86 2.10
N ALA B 59 5.69 -21.52 1.16
CA ALA B 59 4.56 -22.37 1.48
C ALA B 59 4.93 -23.51 2.38
N ALA B 60 5.92 -24.21 1.91
CA ALA B 60 6.50 -25.36 2.53
C ALA B 60 7.18 -25.01 3.84
N LYS B 61 7.45 -23.74 3.98
CA LYS B 61 8.08 -23.34 5.22
C LYS B 61 6.98 -23.07 6.27
N LYS B 62 5.73 -23.10 5.80
CA LYS B 62 4.56 -22.88 6.65
C LYS B 62 4.70 -21.61 7.48
N MET B 63 5.01 -20.47 6.86
CA MET B 63 5.15 -19.26 7.67
C MET B 63 3.87 -18.54 8.15
N ASP B 64 4.04 -17.70 9.20
CA ASP B 64 2.95 -16.96 9.78
C ASP B 64 2.64 -15.78 8.95
N LYS B 65 1.66 -14.97 9.35
CA LYS B 65 1.26 -13.77 8.63
C LYS B 65 1.23 -12.59 9.55
N GLU B 66 2.13 -12.61 10.47
CA GLU B 66 2.16 -11.51 11.37
C GLU B 66 2.62 -10.29 10.66
N TYR B 67 2.41 -9.18 11.30
CA TYR B 67 2.75 -7.87 10.80
C TYR B 67 4.22 -7.69 10.47
N LEU B 68 4.51 -6.79 9.48
CA LEU B 68 5.87 -6.48 9.13
C LEU B 68 6.27 -5.24 9.88
N PRO B 69 7.52 -4.97 9.97
CA PRO B 69 7.85 -3.73 10.66
C PRO B 69 7.42 -2.64 9.72
N ILE B 70 7.30 -1.43 10.21
CA ILE B 70 6.91 -0.35 9.31
C ILE B 70 7.81 -0.31 8.09
N ALA B 71 9.14 -0.28 8.32
CA ALA B 71 10.09 -0.27 7.19
C ALA B 71 10.10 -1.49 6.26
N GLY B 72 9.42 -2.55 6.66
CA GLY B 72 9.37 -3.74 5.83
C GLY B 72 10.29 -4.84 6.31
N LEU B 73 10.39 -5.84 5.49
CA LEU B 73 11.18 -6.96 5.77
C LEU B 73 12.60 -6.56 5.64
N ALA B 74 13.30 -6.47 6.75
CA ALA B 74 14.70 -6.09 6.78
C ALA B 74 15.52 -6.75 5.70
N ASP B 75 15.39 -8.05 5.65
CA ASP B 75 16.13 -8.84 4.69
C ASP B 75 15.92 -8.44 3.24
N PHE B 76 14.81 -7.87 3.00
CA PHE B 76 14.51 -7.47 1.68
C PHE B 76 15.05 -6.08 1.44
N THR B 77 14.89 -5.32 2.50
CA THR B 77 15.29 -3.97 2.52
C THR B 77 16.73 -3.90 2.19
N ARG B 78 17.52 -4.59 2.98
CA ARG B 78 18.96 -4.64 2.72
C ARG B 78 19.33 -5.19 1.35
N ALA B 79 18.78 -6.36 0.95
CA ALA B 79 19.07 -6.91 -0.37
C ALA B 79 18.82 -5.88 -1.48
N SER B 80 17.83 -5.05 -1.26
CA SER B 80 17.54 -4.10 -2.27
C SER B 80 18.56 -3.00 -2.45
N ALA B 81 19.10 -2.61 -1.31
CA ALA B 81 20.05 -1.54 -1.29
C ALA B 81 21.35 -1.98 -1.91
N GLU B 82 21.58 -3.29 -1.78
CA GLU B 82 22.78 -3.88 -2.35
C GLU B 82 22.59 -4.04 -3.82
N LEU B 83 21.40 -4.50 -4.21
CA LEU B 83 21.13 -4.74 -5.59
C LEU B 83 21.30 -3.46 -6.31
N ALA B 84 20.92 -2.42 -5.59
CA ALA B 84 21.03 -1.15 -6.22
C ALA B 84 22.40 -0.57 -6.21
N LEU B 85 22.89 -0.43 -5.05
CA LEU B 85 24.14 0.23 -4.92
C LEU B 85 25.37 -0.52 -5.26
N GLY B 86 25.24 -1.85 -5.21
CA GLY B 86 26.38 -2.69 -5.46
C GLY B 86 27.03 -3.10 -4.10
N GLU B 87 27.39 -4.39 -4.03
CA GLU B 87 28.00 -5.00 -2.86
C GLU B 87 29.29 -4.36 -2.38
N ASN B 88 30.08 -3.78 -3.32
CA ASN B 88 31.38 -3.14 -3.10
C ASN B 88 31.24 -1.66 -2.88
N SER B 89 30.00 -1.20 -2.74
CA SER B 89 29.66 0.20 -2.62
C SER B 89 30.00 0.85 -1.35
N GLU B 90 30.80 1.90 -1.38
CA GLU B 90 31.12 2.60 -0.14
C GLU B 90 29.91 2.91 0.73
N ALA B 91 29.02 3.61 0.10
CA ALA B 91 27.79 4.01 0.67
C ALA B 91 27.11 2.76 1.18
N PHE B 92 27.23 1.73 0.41
CA PHE B 92 26.61 0.54 0.91
C PHE B 92 27.34 0.05 2.14
N LYS B 93 28.59 -0.26 1.93
CA LYS B 93 29.50 -0.77 2.96
C LYS B 93 29.60 0.14 4.22
N SER B 94 29.44 1.44 4.09
CA SER B 94 29.57 2.24 5.29
C SER B 94 28.27 2.49 6.08
N GLY B 95 27.14 1.92 5.59
CA GLY B 95 25.84 2.04 6.22
C GLY B 95 25.10 3.36 6.11
N ARG B 96 25.59 4.31 5.29
CA ARG B 96 24.93 5.61 5.09
C ARG B 96 23.59 5.55 4.31
N TYR B 97 22.89 4.45 4.23
CA TYR B 97 21.68 4.57 3.48
C TYR B 97 20.60 4.09 4.37
N VAL B 98 19.41 4.41 3.93
CA VAL B 98 18.24 4.01 4.60
C VAL B 98 17.41 3.55 3.50
N THR B 99 16.65 2.51 3.70
CA THR B 99 15.74 2.02 2.71
C THR B 99 14.55 1.41 3.42
N VAL B 100 13.37 1.84 3.03
CA VAL B 100 12.17 1.31 3.58
C VAL B 100 11.44 0.60 2.48
N GLN B 101 10.89 -0.54 2.80
CA GLN B 101 10.12 -1.21 1.79
C GLN B 101 8.92 -0.33 1.47
N GLY B 102 8.41 -0.38 0.24
CA GLY B 102 7.25 0.45 -0.13
C GLY B 102 6.23 -0.34 -0.97
N ILE B 103 5.24 0.36 -1.54
CA ILE B 103 4.26 -0.29 -2.32
C ILE B 103 4.70 -0.17 -3.77
N SER B 104 5.71 -0.98 -4.12
CA SER B 104 6.30 -1.01 -5.43
C SER B 104 6.91 0.36 -5.72
N GLY B 105 7.19 0.57 -6.97
CA GLY B 105 7.78 1.82 -7.33
C GLY B 105 6.82 2.99 -7.18
N THR B 106 5.51 2.85 -7.40
CA THR B 106 4.69 4.05 -7.24
C THR B 106 4.65 4.51 -5.77
N GLY B 107 4.35 3.55 -4.88
CA GLY B 107 4.27 3.88 -3.48
C GLY B 107 5.63 4.32 -3.03
N SER B 108 6.63 3.72 -3.62
CA SER B 108 7.90 4.16 -3.19
C SER B 108 8.18 5.60 -3.59
N LEU B 109 7.80 5.92 -4.80
CA LEU B 109 8.05 7.26 -5.26
C LEU B 109 7.33 8.25 -4.40
N ARG B 110 6.16 7.86 -4.02
CA ARG B 110 5.37 8.76 -3.22
C ARG B 110 5.86 9.06 -1.81
N VAL B 111 6.25 8.00 -1.05
CA VAL B 111 6.70 8.35 0.27
C VAL B 111 7.93 9.21 0.11
N GLY B 112 8.65 8.93 -0.95
CA GLY B 112 9.79 9.70 -1.21
C GLY B 112 9.31 11.13 -1.44
N ALA B 113 8.29 11.27 -2.26
CA ALA B 113 7.83 12.62 -2.50
C ALA B 113 7.40 13.35 -1.23
N ASN B 114 6.70 12.64 -0.40
CA ASN B 114 6.19 13.20 0.80
C ASN B 114 7.27 13.46 1.80
N PHE B 115 8.33 12.67 1.73
CA PHE B 115 9.39 12.91 2.66
C PHE B 115 10.01 14.25 2.23
N LEU B 116 10.30 14.42 0.95
CA LEU B 116 10.85 15.70 0.44
C LEU B 116 9.97 16.86 0.81
N GLN B 117 8.70 16.60 0.74
CA GLN B 117 7.78 17.64 1.05
C GLN B 117 7.90 18.11 2.46
N ARG B 118 8.14 17.20 3.36
CA ARG B 118 8.18 17.53 4.76
C ARG B 118 9.53 17.97 5.30
N PHE B 119 10.62 17.62 4.63
CA PHE B 119 11.88 17.98 5.20
C PHE B 119 12.84 18.71 4.34
N PHE B 120 12.69 18.57 3.04
CA PHE B 120 13.57 19.21 2.13
C PHE B 120 13.40 20.68 2.29
N LYS B 121 14.37 21.33 2.83
CA LYS B 121 14.17 22.71 3.07
C LYS B 121 14.48 23.71 2.02
N PHE B 122 14.83 23.35 0.83
CA PHE B 122 15.19 24.42 -0.07
C PHE B 122 14.40 24.74 -1.31
N SER B 123 13.38 23.98 -1.64
CA SER B 123 12.59 24.20 -2.81
C SER B 123 11.42 23.16 -2.91
N ARG B 124 10.39 23.49 -3.67
CA ARG B 124 9.26 22.62 -3.82
C ARG B 124 9.14 22.21 -5.28
N ASP B 125 10.14 22.57 -6.11
CA ASP B 125 10.18 22.32 -7.55
C ASP B 125 10.83 21.06 -8.04
N VAL B 126 10.05 20.30 -8.76
CA VAL B 126 10.67 19.12 -9.26
C VAL B 126 10.67 19.07 -10.71
N TYR B 127 11.89 19.02 -11.21
CA TYR B 127 12.20 18.97 -12.60
C TYR B 127 12.16 17.56 -13.21
N LEU B 128 11.19 17.39 -14.13
CA LEU B 128 10.99 16.22 -14.86
C LEU B 128 11.49 16.38 -16.30
N PRO B 129 11.96 15.27 -16.78
CA PRO B 129 12.43 15.24 -18.16
C PRO B 129 11.19 15.19 -19.07
N LYS B 130 11.33 15.84 -20.26
CA LYS B 130 10.32 15.94 -21.31
C LYS B 130 10.55 14.88 -22.45
N PRO B 131 9.66 13.94 -22.54
CA PRO B 131 8.52 13.70 -21.68
C PRO B 131 8.90 12.82 -20.46
N SER B 132 7.90 12.51 -19.63
CA SER B 132 8.21 11.66 -18.54
C SER B 132 7.05 10.72 -18.37
N TRP B 133 7.23 9.59 -17.67
CA TRP B 133 6.15 8.65 -17.38
C TRP B 133 5.00 9.43 -16.83
N GLY B 134 3.85 9.28 -17.35
CA GLY B 134 2.76 10.08 -16.84
C GLY B 134 2.47 10.26 -15.35
N ASN B 135 2.67 9.24 -14.56
CA ASN B 135 2.40 9.30 -13.15
C ASN B 135 3.25 10.26 -12.30
N HIS B 136 4.40 10.62 -12.85
CA HIS B 136 5.31 11.46 -12.18
C HIS B 136 4.68 12.71 -11.61
N THR B 137 3.93 13.26 -12.50
CA THR B 137 3.19 14.48 -12.29
C THR B 137 2.30 14.40 -11.12
N PRO B 138 1.25 13.63 -11.19
CA PRO B 138 0.36 13.48 -10.02
C PRO B 138 1.13 13.00 -8.79
N ILE B 139 2.10 12.05 -8.91
CA ILE B 139 2.79 11.67 -7.68
C ILE B 139 3.36 12.92 -6.96
N PHE B 140 4.06 13.78 -7.69
CA PHE B 140 4.62 14.97 -7.06
C PHE B 140 3.69 16.02 -6.75
N ARG B 141 2.63 16.10 -7.50
CA ARG B 141 1.68 17.18 -7.25
C ARG B 141 0.75 16.90 -6.12
N ASP B 142 0.51 15.64 -5.91
CA ASP B 142 -0.41 15.34 -4.85
C ASP B 142 0.30 15.40 -3.55
N ALA B 143 1.62 15.34 -3.68
CA ALA B 143 2.46 15.37 -2.52
C ALA B 143 2.70 16.74 -1.94
N GLY B 144 2.53 17.76 -2.76
CA GLY B 144 2.71 19.06 -2.22
C GLY B 144 3.74 19.87 -2.94
N LEU B 145 4.41 19.20 -3.91
CA LEU B 145 5.45 19.85 -4.68
C LEU B 145 4.95 20.46 -5.96
N GLN B 146 5.69 21.35 -6.57
CA GLN B 146 5.33 21.95 -7.85
C GLN B 146 6.27 21.36 -8.92
N LEU B 147 5.76 21.28 -10.14
CA LEU B 147 6.58 20.67 -11.20
C LEU B 147 7.16 21.54 -12.28
N GLN B 148 8.42 21.28 -12.55
CA GLN B 148 9.11 21.97 -13.60
C GLN B 148 9.57 21.00 -14.66
N ALA B 149 10.32 21.43 -15.69
CA ALA B 149 10.70 20.44 -16.66
C ALA B 149 11.98 20.74 -17.34
N TYR B 150 12.70 19.73 -17.79
CA TYR B 150 13.91 20.04 -18.53
C TYR B 150 13.86 19.27 -19.82
N ARG B 151 14.19 19.86 -20.90
CA ARG B 151 14.19 19.18 -22.16
C ARG B 151 15.02 17.87 -22.15
N TYR B 152 14.60 16.85 -22.89
CA TYR B 152 15.26 15.57 -22.93
C TYR B 152 15.21 14.87 -24.34
N TYR B 153 14.00 14.62 -24.89
CA TYR B 153 13.79 13.94 -26.19
C TYR B 153 13.52 14.89 -27.35
N ASP B 154 14.16 14.59 -28.47
CA ASP B 154 13.99 15.39 -29.65
C ASP B 154 13.26 14.56 -30.62
N PRO B 155 12.10 15.03 -30.90
CA PRO B 155 11.23 14.33 -31.81
C PRO B 155 11.63 14.41 -33.27
N LYS B 156 12.50 15.37 -33.64
CA LYS B 156 12.88 15.41 -35.03
C LYS B 156 14.08 14.58 -35.17
N THR B 157 14.57 14.24 -34.03
CA THR B 157 15.71 13.43 -34.11
C THR B 157 15.37 12.03 -33.69
N CYS B 158 14.34 11.94 -32.86
CA CYS B 158 13.91 10.65 -32.41
C CYS B 158 15.05 10.14 -31.58
N SER B 159 15.66 11.10 -30.90
CA SER B 159 16.78 10.84 -30.03
C SER B 159 16.88 11.93 -28.94
N LEU B 160 17.70 11.70 -27.91
CA LEU B 160 17.89 12.63 -26.82
C LEU B 160 18.34 14.02 -27.31
N ASP B 161 17.92 15.12 -26.66
CA ASP B 161 18.32 16.50 -26.98
C ASP B 161 19.30 16.92 -25.88
N PHE B 162 20.47 16.23 -25.86
CA PHE B 162 21.48 16.44 -24.85
C PHE B 162 21.82 17.87 -24.69
N THR B 163 21.99 18.52 -25.82
CA THR B 163 22.30 19.94 -25.74
C THR B 163 21.26 20.66 -24.87
N GLY B 164 20.00 20.56 -25.25
CA GLY B 164 18.95 21.18 -24.52
C GLY B 164 18.86 20.62 -23.15
N ALA B 165 19.19 19.35 -22.99
CA ALA B 165 19.08 18.89 -21.64
C ALA B 165 20.10 19.65 -20.80
N MET B 166 21.29 19.68 -21.26
CA MET B 166 22.29 20.45 -20.55
C MET B 166 22.03 21.96 -20.47
N GLU B 167 21.35 22.59 -21.42
CA GLU B 167 21.20 24.00 -21.18
C GLU B 167 20.23 24.15 -20.07
N ASP B 168 19.07 23.52 -20.22
CA ASP B 168 18.05 23.53 -19.22
C ASP B 168 18.63 23.20 -17.86
N ILE B 169 19.13 21.97 -17.72
CA ILE B 169 19.69 21.53 -16.49
C ILE B 169 20.66 22.54 -15.85
N SER B 170 21.64 22.94 -16.66
CA SER B 170 22.61 23.91 -16.20
C SER B 170 21.91 25.18 -15.72
N LYS B 171 20.67 25.38 -16.06
CA LYS B 171 20.11 26.60 -15.54
C LYS B 171 19.14 26.34 -14.41
N ILE B 172 18.90 25.08 -14.04
CA ILE B 172 17.99 24.87 -12.91
C ILE B 172 18.57 25.57 -11.66
N PRO B 173 17.76 26.24 -10.88
CA PRO B 173 18.23 26.93 -9.69
C PRO B 173 18.83 26.01 -8.67
N GLU B 174 19.92 26.47 -8.06
CA GLU B 174 20.65 25.72 -7.06
C GLU B 174 19.75 25.13 -6.04
N LYS B 175 20.02 23.90 -5.79
CA LYS B 175 19.29 23.14 -4.82
C LYS B 175 17.84 22.94 -5.15
N SER B 176 17.56 22.37 -6.29
CA SER B 176 16.23 22.06 -6.72
C SER B 176 16.24 20.54 -6.84
N ILE B 177 15.10 19.95 -7.11
CA ILE B 177 15.07 18.51 -7.23
C ILE B 177 14.93 18.19 -8.71
N ILE B 178 15.71 17.22 -9.12
CA ILE B 178 15.69 16.77 -10.47
C ILE B 178 15.48 15.23 -10.46
N LEU B 179 14.40 14.80 -11.16
CA LEU B 179 14.00 13.41 -11.41
C LEU B 179 14.78 13.01 -12.68
N LEU B 180 15.53 11.94 -12.58
CA LEU B 180 16.38 11.38 -13.59
C LEU B 180 15.95 9.93 -13.56
N HIS B 181 15.79 9.28 -14.72
CA HIS B 181 15.37 7.87 -14.79
C HIS B 181 16.67 7.14 -14.84
N ALA B 182 16.80 6.10 -14.08
CA ALA B 182 18.04 5.36 -13.98
C ALA B 182 18.48 4.71 -15.20
N CYS B 183 17.46 4.20 -15.92
CA CYS B 183 17.62 3.47 -17.17
C CYS B 183 16.31 3.01 -17.74
N ALA B 184 16.28 2.93 -19.04
CA ALA B 184 15.09 2.54 -19.72
C ALA B 184 14.05 3.67 -19.57
N HIS B 185 14.41 4.86 -20.09
CA HIS B 185 13.50 5.97 -19.99
C HIS B 185 12.13 5.78 -20.59
N ASN B 186 11.18 5.85 -19.67
CA ASN B 186 9.79 5.75 -19.94
C ASN B 186 9.20 7.15 -20.29
N PRO B 187 8.68 7.33 -21.53
CA PRO B 187 8.45 6.37 -22.62
C PRO B 187 9.38 6.43 -23.83
N THR B 188 10.28 7.33 -23.76
CA THR B 188 11.18 7.51 -24.89
C THR B 188 11.94 6.31 -25.40
N GLY B 189 12.48 5.56 -24.44
CA GLY B 189 13.22 4.42 -24.80
C GLY B 189 14.67 4.77 -24.99
N VAL B 190 14.99 6.07 -24.90
CA VAL B 190 16.37 6.57 -25.11
C VAL B 190 17.17 6.91 -23.83
N ASP B 191 18.35 6.37 -23.58
CA ASP B 191 18.93 6.90 -22.37
C ASP B 191 20.30 7.49 -22.69
N PRO B 192 20.87 8.31 -21.78
CA PRO B 192 22.17 8.84 -22.08
C PRO B 192 23.26 7.75 -22.07
N ARG B 193 24.25 8.02 -22.90
CA ARG B 193 25.38 7.16 -23.01
C ARG B 193 26.27 7.53 -21.78
N GLN B 194 27.09 6.60 -21.25
CA GLN B 194 27.98 6.82 -20.07
C GLN B 194 28.66 8.19 -20.00
N GLU B 195 29.16 8.57 -21.16
CA GLU B 195 29.86 9.81 -21.43
C GLU B 195 29.01 11.02 -21.16
N GLN B 196 27.72 10.86 -21.44
CA GLN B 196 26.77 11.92 -21.25
C GLN B 196 26.28 11.92 -19.80
N TRP B 197 26.12 10.73 -19.28
CA TRP B 197 25.68 10.57 -17.91
C TRP B 197 26.72 11.30 -17.05
N LYS B 198 27.96 10.89 -17.36
CA LYS B 198 29.18 11.45 -16.76
C LYS B 198 29.03 12.97 -16.76
N GLU B 199 28.61 13.52 -17.91
CA GLU B 199 28.42 14.95 -18.03
C GLU B 199 27.31 15.53 -17.16
N LEU B 200 26.11 14.97 -17.26
CA LEU B 200 24.97 15.44 -16.48
C LEU B 200 25.34 15.58 -15.03
N ALA B 201 25.88 14.47 -14.56
CA ALA B 201 26.28 14.40 -13.17
C ALA B 201 27.16 15.55 -12.73
N SER B 202 28.04 16.02 -13.60
CA SER B 202 28.86 17.11 -13.16
C SER B 202 28.00 18.33 -12.90
N VAL B 203 27.00 18.55 -13.77
CA VAL B 203 26.19 19.73 -13.51
C VAL B 203 25.28 19.59 -12.32
N VAL B 204 24.89 18.32 -12.05
CA VAL B 204 24.02 18.19 -10.96
C VAL B 204 24.83 18.52 -9.78
N LYS B 205 26.00 17.89 -9.73
CA LYS B 205 26.95 18.13 -8.66
C LYS B 205 27.19 19.62 -8.56
N LYS B 206 27.51 20.22 -9.71
CA LYS B 206 27.79 21.63 -9.85
C LYS B 206 26.70 22.54 -9.42
N ARG B 207 25.50 22.20 -9.77
CA ARG B 207 24.45 23.10 -9.35
C ARG B 207 23.91 22.71 -7.96
N ASN B 208 24.47 21.68 -7.40
CA ASN B 208 24.04 21.28 -6.10
C ASN B 208 22.53 21.01 -5.95
N LEU B 209 22.02 20.20 -6.92
CA LEU B 209 20.62 19.79 -7.01
C LEU B 209 20.49 18.50 -6.27
N LEU B 210 19.30 18.18 -5.77
CA LEU B 210 19.01 16.93 -5.12
C LEU B 210 18.62 16.03 -6.28
N ALA B 211 19.33 14.93 -6.53
CA ALA B 211 18.94 14.07 -7.65
C ALA B 211 18.15 12.89 -7.13
N TYR B 212 16.95 12.73 -7.74
CA TYR B 212 15.95 11.70 -7.45
C TYR B 212 15.93 10.75 -8.61
N PHE B 213 16.41 9.48 -8.40
CA PHE B 213 16.45 8.46 -9.47
C PHE B 213 15.35 7.50 -9.28
N ASP B 214 14.70 7.17 -10.37
CA ASP B 214 13.63 6.20 -10.25
C ASP B 214 14.13 4.98 -11.02
N MET B 215 14.32 3.84 -10.35
CA MET B 215 14.80 2.74 -11.09
C MET B 215 13.81 1.64 -11.26
N ALA B 216 12.89 1.74 -12.24
CA ALA B 216 11.97 0.60 -12.38
C ALA B 216 12.36 -0.58 -13.30
N TYR B 217 13.28 -0.40 -14.26
CA TYR B 217 13.61 -1.48 -15.14
C TYR B 217 15.03 -1.81 -15.06
N GLN B 218 15.57 -2.08 -13.86
CA GLN B 218 17.00 -2.42 -13.72
C GLN B 218 17.02 -3.74 -14.30
N GLY B 219 17.94 -3.93 -15.22
CA GLY B 219 18.03 -5.22 -15.90
C GLY B 219 17.41 -5.18 -17.29
N PHE B 220 16.52 -4.28 -17.51
CA PHE B 220 15.82 -4.23 -18.78
C PHE B 220 16.38 -3.37 -19.83
N ALA B 221 17.31 -2.53 -19.49
CA ALA B 221 17.93 -1.62 -20.42
C ALA B 221 18.87 -2.35 -21.31
N SER B 222 19.61 -3.31 -20.70
CA SER B 222 20.58 -4.19 -21.34
C SER B 222 20.45 -5.63 -20.93
N GLY B 223 19.74 -5.99 -19.88
CA GLY B 223 19.70 -7.41 -19.53
C GLY B 223 20.77 -7.75 -18.48
N ASP B 224 21.52 -6.73 -18.15
CA ASP B 224 22.56 -6.81 -17.16
C ASP B 224 22.17 -5.89 -16.01
N ILE B 225 21.96 -6.45 -14.81
CA ILE B 225 21.56 -5.56 -13.72
C ILE B 225 22.63 -4.59 -13.34
N ASN B 226 23.89 -5.00 -13.26
CA ASN B 226 24.83 -3.95 -12.92
C ASN B 226 25.16 -2.98 -14.02
N ARG B 227 25.20 -3.43 -15.27
CA ARG B 227 25.48 -2.46 -16.27
C ARG B 227 24.38 -1.40 -16.24
N ASP B 228 23.10 -1.75 -15.81
CA ASP B 228 21.99 -0.78 -15.70
C ASP B 228 22.05 0.20 -14.50
N ALA B 229 22.75 -0.20 -13.44
CA ALA B 229 22.88 0.67 -12.27
C ALA B 229 24.13 1.58 -12.35
N TRP B 230 24.82 1.49 -13.48
CA TRP B 230 26.02 2.26 -13.65
C TRP B 230 25.95 3.77 -13.23
N ALA B 231 25.04 4.45 -13.93
CA ALA B 231 24.68 5.82 -13.82
C ALA B 231 24.48 6.22 -12.42
N LEU B 232 23.54 5.48 -11.76
CA LEU B 232 23.19 5.73 -10.33
C LEU B 232 24.45 5.65 -9.45
N ARG B 233 25.19 4.55 -9.63
CA ARG B 233 26.31 4.45 -8.80
C ARG B 233 27.36 5.48 -9.11
N HIS B 234 27.47 5.86 -10.39
CA HIS B 234 28.45 6.86 -10.74
C HIS B 234 28.21 8.09 -9.93
N PHE B 235 27.02 8.59 -10.12
CA PHE B 235 26.56 9.79 -9.44
C PHE B 235 26.88 9.79 -7.98
N ILE B 236 26.57 8.66 -7.40
CA ILE B 236 26.83 8.54 -6.00
C ILE B 236 28.33 8.61 -5.79
N GLU B 237 29.08 7.94 -6.63
CA GLU B 237 30.52 7.99 -6.44
C GLU B 237 31.19 9.33 -6.61
N GLN B 238 30.53 10.29 -7.26
CA GLN B 238 31.09 11.60 -7.46
C GLN B 238 30.79 12.51 -6.32
N GLY B 239 30.17 11.90 -5.37
CA GLY B 239 29.74 12.59 -4.18
C GLY B 239 28.30 13.14 -4.27
N ILE B 240 27.40 12.56 -5.08
CA ILE B 240 26.04 13.06 -5.15
C ILE B 240 25.10 12.13 -4.37
N ASP B 241 24.59 12.67 -3.28
CA ASP B 241 23.68 11.99 -2.36
C ASP B 241 22.33 12.10 -2.96
N VAL B 242 21.88 10.99 -3.52
CA VAL B 242 20.60 10.94 -4.21
C VAL B 242 19.56 10.32 -3.34
N VAL B 243 18.42 10.06 -3.97
CA VAL B 243 17.32 9.39 -3.31
C VAL B 243 16.86 8.45 -4.38
N LEU B 244 16.28 7.30 -4.00
CA LEU B 244 15.88 6.42 -5.06
C LEU B 244 14.69 5.60 -4.73
N SER B 245 13.98 5.30 -5.85
CA SER B 245 12.78 4.51 -5.94
C SER B 245 13.11 3.24 -6.73
N GLN B 246 12.64 2.11 -6.31
CA GLN B 246 12.96 0.86 -6.99
C GLN B 246 11.69 0.03 -7.06
N SER B 247 11.55 -0.80 -8.12
CA SER B 247 10.39 -1.66 -8.23
C SER B 247 10.74 -3.03 -8.72
N TYR B 248 10.27 -4.05 -8.06
CA TYR B 248 10.57 -5.37 -8.56
C TYR B 248 9.46 -5.89 -9.41
N ALA B 249 8.62 -4.96 -9.86
CA ALA B 249 7.45 -5.23 -10.66
C ALA B 249 7.71 -5.87 -11.97
N LYS B 250 8.56 -5.30 -12.73
CA LYS B 250 8.80 -5.83 -14.01
C LYS B 250 9.91 -6.89 -13.97
N ASN B 251 11.11 -6.50 -13.51
CA ASN B 251 12.24 -7.39 -13.46
C ASN B 251 12.05 -8.70 -12.78
N MET B 252 11.07 -8.81 -11.87
CA MET B 252 10.73 -10.06 -11.15
C MET B 252 9.34 -10.49 -11.52
N GLY B 253 8.67 -9.58 -12.26
CA GLY B 253 7.35 -9.90 -12.71
C GLY B 253 6.44 -10.23 -11.57
N LEU B 254 6.49 -9.32 -10.58
CA LEU B 254 5.68 -9.43 -9.37
C LEU B 254 4.65 -8.31 -9.34
N TYR B 255 4.26 -7.90 -10.57
CA TYR B 255 3.31 -6.84 -10.84
C TYR B 255 2.34 -6.57 -9.71
N GLY B 256 1.28 -7.31 -9.62
CA GLY B 256 0.33 -7.06 -8.56
C GLY B 256 0.81 -7.40 -7.18
N GLU B 257 2.04 -7.93 -7.03
CA GLU B 257 2.45 -8.26 -5.65
C GLU B 257 2.81 -7.05 -4.78
N ARG B 258 3.27 -6.04 -5.51
CA ARG B 258 3.69 -4.74 -5.01
C ARG B 258 5.04 -4.71 -4.30
N ALA B 259 6.13 -4.99 -5.05
CA ALA B 259 7.36 -4.88 -4.30
C ALA B 259 8.34 -3.86 -4.78
N GLY B 260 8.61 -2.85 -3.94
CA GLY B 260 9.57 -1.83 -4.27
C GLY B 260 10.24 -1.25 -3.02
N ALA B 261 10.98 -0.16 -3.24
CA ALA B 261 11.59 0.36 -2.06
C ALA B 261 12.02 1.77 -2.25
N PHE B 262 12.23 2.50 -1.15
CA PHE B 262 12.69 3.88 -1.24
C PHE B 262 13.93 4.01 -0.40
N THR B 263 14.98 4.60 -1.00
CA THR B 263 16.22 4.71 -0.25
C THR B 263 16.79 6.09 -0.24
N VAL B 264 17.35 6.50 0.92
CA VAL B 264 17.94 7.80 0.99
C VAL B 264 19.41 7.77 1.38
N ILE B 265 20.25 8.38 0.55
CA ILE B 265 21.70 8.47 0.83
C ILE B 265 21.96 9.62 1.76
N CYS B 266 22.55 9.27 2.86
CA CYS B 266 22.91 10.12 3.95
C CYS B 266 24.46 10.33 4.02
N ARG B 267 24.89 11.11 5.01
CA ARG B 267 26.26 11.45 5.30
C ARG B 267 26.92 10.39 6.19
N ASP B 268 26.24 10.13 7.28
CA ASP B 268 26.71 9.22 8.28
C ASP B 268 25.89 7.96 8.31
N ALA B 269 25.96 7.25 9.41
CA ALA B 269 25.15 6.09 9.63
C ALA B 269 24.14 6.64 10.66
N GLU B 270 24.60 7.70 11.36
CA GLU B 270 23.78 8.36 12.35
C GLU B 270 22.67 9.12 11.73
N GLU B 271 22.98 9.80 10.61
CA GLU B 271 21.94 10.55 9.91
C GLU B 271 20.86 9.53 9.48
N ALA B 272 21.36 8.46 8.83
CA ALA B 272 20.55 7.39 8.35
C ALA B 272 19.51 6.94 9.35
N LYS B 273 19.95 6.74 10.63
CA LYS B 273 19.01 6.32 11.69
C LYS B 273 17.93 7.33 11.86
N ARG B 274 18.41 8.57 12.06
CA ARG B 274 17.59 9.75 12.23
C ARG B 274 16.58 9.84 11.16
N VAL B 275 17.00 9.74 9.90
CA VAL B 275 16.00 9.81 8.88
C VAL B 275 15.02 8.65 8.91
N GLU B 276 15.49 7.44 9.20
CA GLU B 276 14.54 6.40 9.21
C GLU B 276 13.35 6.53 10.14
N SER B 277 13.67 7.11 11.29
CA SER B 277 12.58 7.26 12.21
C SER B 277 11.47 8.13 11.63
N GLN B 278 11.89 9.11 10.88
CA GLN B 278 10.94 10.02 10.28
C GLN B 278 10.18 9.38 9.14
N LEU B 279 10.90 8.52 8.49
CA LEU B 279 10.31 7.84 7.38
C LEU B 279 9.18 7.02 7.90
N LYS B 280 9.51 6.29 8.96
CA LYS B 280 8.54 5.49 9.59
C LYS B 280 7.25 6.32 10.03
N ILE B 281 7.48 7.47 10.65
CA ILE B 281 6.44 8.35 11.14
C ILE B 281 5.63 8.92 10.02
N LEU B 282 6.11 8.74 8.83
CA LEU B 282 5.44 9.24 7.64
C LEU B 282 4.44 8.16 7.12
N ILE B 283 4.88 6.95 7.34
CA ILE B 283 4.24 5.75 6.91
C ILE B 283 3.12 5.19 7.70
N ARG B 284 3.31 5.23 9.02
CA ARG B 284 2.34 4.65 9.91
C ARG B 284 0.96 5.10 9.57
N PRO B 285 0.80 6.39 9.41
CA PRO B 285 -0.49 6.99 9.05
C PRO B 285 -0.88 6.91 7.60
N MET B 286 -0.04 6.22 6.82
CA MET B 286 -0.22 6.00 5.39
C MET B 286 -0.79 4.66 5.17
N TYR B 287 -0.09 3.63 5.58
CA TYR B 287 -0.69 2.35 5.45
C TYR B 287 -0.29 1.45 6.61
N SER B 288 0.29 2.08 7.65
CA SER B 288 0.65 1.28 8.78
C SER B 288 1.89 0.45 8.43
N ASN B 289 1.77 -0.60 7.64
CA ASN B 289 2.99 -1.38 7.33
C ASN B 289 2.86 -1.99 5.99
N PRO B 290 3.93 -2.43 5.37
CA PRO B 290 3.77 -2.98 4.02
C PRO B 290 3.22 -4.43 3.88
N PRO B 291 2.77 -4.70 2.65
CA PRO B 291 2.28 -5.99 2.24
C PRO B 291 3.49 -6.88 2.09
N MET B 292 3.51 -7.93 2.86
CA MET B 292 4.53 -8.94 3.02
C MET B 292 4.85 -10.00 2.00
N ASN B 293 3.93 -10.50 1.24
CA ASN B 293 4.33 -11.58 0.33
C ASN B 293 5.31 -11.24 -0.78
N GLY B 294 5.13 -10.06 -1.39
CA GLY B 294 5.98 -9.65 -2.46
C GLY B 294 7.41 -9.65 -1.94
N ALA B 295 7.65 -8.97 -0.81
CA ALA B 295 9.00 -8.92 -0.27
C ALA B 295 9.56 -10.26 0.13
N ARG B 296 8.67 -11.15 0.45
CA ARG B 296 9.19 -12.45 0.84
C ARG B 296 9.70 -13.19 -0.33
N ILE B 297 8.92 -13.10 -1.42
CA ILE B 297 9.31 -13.75 -2.63
C ILE B 297 10.62 -13.15 -3.05
N ALA B 298 10.65 -11.85 -3.11
CA ALA B 298 11.84 -11.15 -3.53
C ALA B 298 13.01 -11.29 -2.64
N SER B 299 12.78 -11.30 -1.33
CA SER B 299 13.94 -11.37 -0.48
C SER B 299 14.63 -12.72 -0.57
N LEU B 300 13.84 -13.72 -0.90
CA LEU B 300 14.33 -15.04 -0.99
C LEU B 300 15.28 -15.26 -2.16
N ILE B 301 14.91 -14.68 -3.33
CA ILE B 301 15.67 -14.78 -4.59
C ILE B 301 16.94 -13.94 -4.54
N LEU B 302 16.87 -12.76 -3.93
CA LEU B 302 18.03 -11.92 -3.86
C LEU B 302 19.07 -12.59 -3.00
N ASN B 303 18.60 -13.18 -1.96
CA ASN B 303 19.50 -13.80 -1.00
C ASN B 303 19.75 -15.32 -1.07
N THR B 304 19.45 -15.91 -2.19
CA THR B 304 19.64 -17.36 -2.33
C THR B 304 20.26 -17.55 -3.64
N PRO B 305 21.54 -17.64 -3.55
CA PRO B 305 22.49 -17.78 -4.62
C PRO B 305 22.07 -18.52 -5.89
N GLU B 306 21.29 -19.55 -5.65
CA GLU B 306 20.80 -20.35 -6.71
C GLU B 306 19.74 -19.58 -7.38
N LEU B 307 18.76 -19.23 -6.52
CA LEU B 307 17.60 -18.46 -6.91
C LEU B 307 18.09 -17.22 -7.69
N ARG B 308 19.09 -16.53 -7.07
CA ARG B 308 19.63 -15.37 -7.66
C ARG B 308 20.15 -15.68 -9.04
N LYS B 309 21.00 -16.73 -9.18
CA LYS B 309 21.47 -16.99 -10.52
C LYS B 309 20.42 -17.25 -11.51
N GLU B 310 19.48 -18.08 -11.16
CA GLU B 310 18.47 -18.34 -12.15
C GLU B 310 17.76 -17.09 -12.55
N TRP B 311 17.48 -16.26 -11.54
CA TRP B 311 16.78 -15.06 -11.79
C TRP B 311 17.43 -14.25 -12.88
N LEU B 312 18.69 -14.02 -12.65
CA LEU B 312 19.42 -13.25 -13.60
C LEU B 312 19.38 -13.84 -15.00
N VAL B 313 19.26 -15.17 -15.16
CA VAL B 313 19.23 -15.69 -16.53
C VAL B 313 17.89 -15.51 -17.18
N GLU B 314 16.90 -15.47 -16.28
CA GLU B 314 15.54 -15.28 -16.71
C GLU B 314 15.36 -13.84 -17.19
N VAL B 315 15.97 -12.93 -16.47
CA VAL B 315 15.86 -11.53 -16.81
C VAL B 315 16.45 -11.23 -18.18
N LYS B 316 17.56 -11.91 -18.42
CA LYS B 316 18.30 -11.79 -19.65
C LYS B 316 17.46 -12.37 -20.77
N GLY B 317 16.74 -13.40 -20.44
CA GLY B 317 15.93 -13.99 -21.45
C GLY B 317 14.83 -13.05 -21.87
N MET B 318 14.26 -12.35 -20.87
CA MET B 318 13.20 -11.44 -21.10
C MET B 318 13.64 -10.38 -22.10
N ALA B 319 14.73 -9.67 -21.72
CA ALA B 319 15.29 -8.65 -22.56
C ALA B 319 15.46 -9.16 -24.01
N ASP B 320 16.08 -10.31 -24.09
CA ASP B 320 16.34 -10.90 -25.34
C ASP B 320 15.12 -11.05 -26.23
N ARG B 321 14.03 -11.48 -25.62
CA ARG B 321 12.82 -11.70 -26.37
C ARG B 321 12.42 -10.44 -27.03
N ILE B 322 12.22 -9.43 -26.18
CA ILE B 322 11.82 -8.10 -26.61
C ILE B 322 12.62 -7.66 -27.86
N ILE B 323 13.93 -7.83 -27.68
CA ILE B 323 14.81 -7.46 -28.75
C ILE B 323 14.46 -8.18 -30.04
N SER B 324 14.11 -9.42 -29.86
CA SER B 324 13.78 -10.13 -31.03
C SER B 324 12.54 -9.52 -31.59
N MET B 325 11.68 -9.10 -30.68
CA MET B 325 10.45 -8.50 -31.15
C MET B 325 10.71 -7.24 -31.92
N ARG B 326 11.62 -6.36 -31.46
CA ARG B 326 11.83 -5.13 -32.25
C ARG B 326 12.18 -5.47 -33.68
N THR B 327 13.20 -6.25 -33.75
CA THR B 327 13.80 -6.79 -34.92
C THR B 327 12.76 -7.38 -35.86
N GLN B 328 11.98 -8.31 -35.33
CA GLN B 328 10.96 -8.88 -36.18
C GLN B 328 10.00 -7.80 -36.61
N LEU B 329 9.77 -6.88 -35.70
CA LEU B 329 8.88 -5.80 -35.93
C LEU B 329 9.12 -5.03 -37.23
N VAL B 330 10.29 -4.42 -37.33
CA VAL B 330 10.66 -3.64 -38.50
C VAL B 330 10.83 -4.43 -39.80
N SER B 331 11.30 -5.61 -39.68
CA SER B 331 11.45 -6.39 -40.87
C SER B 331 10.10 -6.73 -41.55
N ASN B 332 9.10 -7.01 -40.76
CA ASN B 332 7.79 -7.33 -41.28
C ASN B 332 7.17 -6.02 -41.86
N LEU B 333 7.55 -4.95 -41.22
CA LEU B 333 7.07 -3.66 -41.56
C LEU B 333 7.46 -3.39 -43.01
N LYS B 334 8.74 -3.68 -43.35
CA LYS B 334 9.30 -3.53 -44.70
C LYS B 334 8.63 -4.55 -45.63
N LYS B 335 8.65 -5.79 -45.15
CA LYS B 335 8.06 -6.91 -45.80
C LYS B 335 6.64 -6.44 -46.13
N GLU B 336 6.06 -5.68 -45.28
CA GLU B 336 4.77 -5.30 -45.69
C GLU B 336 4.69 -4.15 -46.69
N GLY B 337 5.81 -3.54 -47.07
CA GLY B 337 5.84 -2.45 -48.04
C GLY B 337 5.94 -1.03 -47.45
N SER B 338 6.25 -0.92 -46.16
CA SER B 338 6.33 0.38 -45.53
C SER B 338 7.51 1.22 -45.87
N SER B 339 7.21 2.25 -46.62
CA SER B 339 8.21 3.19 -47.02
C SER B 339 8.88 3.88 -45.83
N HIS B 340 8.32 3.91 -44.62
CA HIS B 340 8.91 4.60 -43.45
C HIS B 340 10.12 4.03 -42.76
N ASN B 341 10.75 4.93 -42.04
CA ASN B 341 11.93 4.63 -41.26
C ASN B 341 11.52 3.98 -39.94
N TRP B 342 11.90 2.74 -39.70
CA TRP B 342 11.49 2.17 -38.44
C TRP B 342 12.61 1.73 -37.51
N GLN B 343 13.81 2.31 -37.71
CA GLN B 343 15.01 2.03 -36.91
C GLN B 343 14.83 2.39 -35.42
N HIS B 344 13.89 3.30 -35.17
CA HIS B 344 13.70 3.68 -33.79
C HIS B 344 13.23 2.49 -32.99
N ILE B 345 12.44 1.68 -33.71
CA ILE B 345 11.95 0.49 -33.10
C ILE B 345 13.15 -0.31 -32.62
N THR B 346 14.23 -0.34 -33.38
CA THR B 346 15.35 -1.12 -32.92
C THR B 346 16.35 -0.42 -32.07
N ASP B 347 16.42 0.89 -32.13
CA ASP B 347 17.42 1.56 -31.34
C ASP B 347 17.04 1.82 -29.92
N GLN B 348 15.79 1.85 -29.65
CA GLN B 348 15.42 2.15 -28.33
C GLN B 348 15.59 0.97 -27.42
N ILE B 349 15.51 1.20 -26.13
CA ILE B 349 15.66 0.07 -25.28
C ILE B 349 14.55 -0.01 -24.31
N GLY B 350 14.58 -1.10 -23.52
CA GLY B 350 13.63 -1.38 -22.48
C GLY B 350 12.40 -2.12 -22.94
N MET B 351 11.27 -1.77 -22.32
CA MET B 351 10.02 -2.40 -22.67
C MET B 351 9.22 -1.70 -23.77
N PHE B 352 9.52 -0.52 -24.21
CA PHE B 352 8.63 -0.02 -25.22
C PHE B 352 9.26 0.41 -26.46
N CYS B 353 8.43 1.11 -27.12
CA CYS B 353 8.76 1.69 -28.37
C CYS B 353 7.98 2.99 -28.43
N PHE B 354 8.67 4.08 -28.75
CA PHE B 354 8.00 5.37 -28.84
C PHE B 354 7.86 5.55 -30.36
N THR B 355 6.82 4.93 -30.85
CA THR B 355 6.52 4.84 -32.27
C THR B 355 6.43 6.07 -33.13
N GLY B 356 6.02 7.21 -32.56
CA GLY B 356 5.84 8.38 -33.37
C GLY B 356 4.36 8.47 -33.85
N LEU B 357 3.57 7.36 -33.85
CA LEU B 357 2.19 7.40 -34.30
C LEU B 357 1.32 8.59 -33.81
N LYS B 358 0.54 9.18 -34.73
CA LYS B 358 -0.29 10.25 -34.25
C LYS B 358 -1.55 9.73 -33.60
N PRO B 359 -2.18 10.53 -32.80
CA PRO B 359 -3.38 10.15 -32.12
C PRO B 359 -4.47 9.67 -33.02
N GLU B 360 -4.60 10.21 -34.24
CA GLU B 360 -5.59 9.65 -35.16
C GLU B 360 -5.11 8.20 -35.43
N GLN B 361 -3.81 8.08 -35.89
CA GLN B 361 -3.12 6.81 -36.19
C GLN B 361 -3.51 5.88 -35.02
N VAL B 362 -3.24 6.39 -33.81
CA VAL B 362 -3.62 5.64 -32.62
C VAL B 362 -5.01 5.02 -32.51
N GLU B 363 -6.01 5.88 -32.74
CA GLU B 363 -7.42 5.52 -32.72
C GLU B 363 -7.72 4.36 -33.64
N ARG B 364 -7.34 4.54 -34.90
CA ARG B 364 -7.54 3.59 -35.96
C ARG B 364 -7.04 2.25 -35.60
N LEU B 365 -5.89 2.22 -34.91
CA LEU B 365 -5.39 0.92 -34.51
C LEU B 365 -6.37 0.34 -33.50
N THR B 366 -6.80 1.14 -32.49
CA THR B 366 -7.74 0.55 -31.53
C THR B 366 -9.02 0.03 -32.14
N LYS B 367 -9.63 0.94 -32.87
CA LYS B 367 -10.87 0.71 -33.56
C LYS B 367 -10.91 -0.43 -34.52
N GLU B 368 -10.13 -0.34 -35.59
CA GLU B 368 -10.08 -1.35 -36.64
C GLU B 368 -9.48 -2.73 -36.40
N PHE B 369 -8.44 -2.83 -35.53
CA PHE B 369 -7.69 -4.05 -35.18
C PHE B 369 -7.57 -4.30 -33.68
N SER B 370 -8.20 -3.54 -32.83
CA SER B 370 -8.13 -3.77 -31.41
C SER B 370 -6.76 -3.93 -30.81
N ILE B 371 -5.85 -3.09 -31.28
CA ILE B 371 -4.50 -3.06 -30.76
C ILE B 371 -4.54 -1.87 -29.82
N TYR B 372 -4.28 -2.14 -28.58
CA TYR B 372 -4.36 -1.10 -27.57
C TYR B 372 -3.04 -0.61 -27.10
N MET B 373 -2.94 0.71 -27.15
CA MET B 373 -1.76 1.42 -26.75
C MET B 373 -2.09 2.81 -26.27
N THR B 374 -1.10 3.58 -25.87
CA THR B 374 -1.26 4.93 -25.35
C THR B 374 -1.34 6.06 -26.38
N LYS B 375 -2.09 7.12 -26.03
CA LYS B 375 -2.25 8.19 -26.95
C LYS B 375 -0.99 8.76 -27.50
N ASP B 376 0.15 8.61 -26.80
CA ASP B 376 1.45 9.14 -27.30
C ASP B 376 2.22 8.21 -28.31
N GLY B 377 1.52 7.30 -28.90
CA GLY B 377 2.19 6.42 -29.82
C GLY B 377 3.13 5.55 -29.05
N ARG B 378 2.92 5.34 -27.73
CA ARG B 378 3.83 4.50 -26.94
C ARG B 378 3.39 3.02 -26.87
N ILE B 379 4.19 2.07 -27.46
CA ILE B 379 3.81 0.65 -27.39
C ILE B 379 4.71 -0.29 -26.62
N SER B 380 4.06 -1.11 -25.75
CA SER B 380 4.71 -2.13 -24.93
C SER B 380 5.14 -3.16 -25.94
N VAL B 381 6.41 -3.18 -26.30
CA VAL B 381 6.89 -4.12 -27.29
C VAL B 381 6.98 -5.47 -26.62
N ALA B 382 6.95 -5.42 -25.27
CA ALA B 382 7.06 -6.64 -24.45
C ALA B 382 5.79 -7.48 -24.40
N GLY B 383 4.69 -6.94 -24.89
CA GLY B 383 3.47 -7.70 -24.86
C GLY B 383 3.18 -8.33 -26.23
N VAL B 384 4.19 -8.31 -27.11
CA VAL B 384 3.97 -8.90 -28.42
C VAL B 384 4.58 -10.29 -28.51
N ALA B 385 3.76 -11.24 -28.92
CA ALA B 385 4.21 -12.58 -29.09
C ALA B 385 4.66 -12.81 -30.50
N SER B 386 5.29 -13.94 -30.64
CA SER B 386 5.82 -14.31 -31.90
C SER B 386 4.75 -14.40 -32.87
N SER B 387 3.66 -14.99 -32.45
CA SER B 387 2.48 -15.16 -33.30
C SER B 387 1.74 -13.88 -33.60
N ASN B 388 2.11 -12.78 -32.98
CA ASN B 388 1.39 -11.59 -33.30
C ASN B 388 2.26 -10.42 -33.80
N VAL B 389 3.58 -10.64 -33.92
CA VAL B 389 4.43 -9.58 -34.43
C VAL B 389 3.91 -9.14 -35.80
N GLY B 390 3.62 -10.15 -36.57
CA GLY B 390 3.11 -9.95 -37.91
C GLY B 390 1.81 -9.14 -38.03
N TYR B 391 0.92 -9.32 -37.08
CA TYR B 391 -0.33 -8.60 -37.15
C TYR B 391 -0.17 -7.11 -36.83
N LEU B 392 0.73 -6.89 -35.87
CA LEU B 392 1.05 -5.60 -35.41
C LEU B 392 1.56 -4.78 -36.55
N ALA B 393 2.44 -5.47 -37.27
CA ALA B 393 3.10 -4.88 -38.42
C ALA B 393 2.11 -4.46 -39.51
N HIS B 394 1.21 -5.33 -39.81
CA HIS B 394 0.24 -5.05 -40.79
C HIS B 394 -0.60 -3.84 -40.34
N ALA B 395 -1.04 -3.92 -39.08
CA ALA B 395 -1.85 -2.90 -38.57
C ALA B 395 -1.14 -1.59 -38.65
N ILE B 396 0.09 -1.60 -38.17
CA ILE B 396 0.83 -0.37 -38.18
C ILE B 396 0.93 0.23 -39.58
N HIS B 397 1.24 -0.68 -40.49
CA HIS B 397 1.40 -0.32 -41.83
C HIS B 397 0.13 0.24 -42.40
N GLN B 398 -0.90 -0.50 -42.14
CA GLN B 398 -2.17 -0.12 -42.61
C GLN B 398 -2.46 1.28 -42.07
N VAL B 399 -2.19 1.47 -40.81
CA VAL B 399 -2.45 2.77 -40.27
C VAL B 399 -1.62 3.93 -40.81
N THR B 400 -0.39 3.63 -41.11
CA THR B 400 0.66 4.49 -41.63
C THR B 400 0.78 4.73 -43.14
N LYS B 401 0.18 3.86 -43.93
CA LYS B 401 0.23 3.91 -45.36
C LYS B 401 -0.40 5.16 -45.94
N1 PLP C . -8.94 0.89 13.28
C2 PLP C . -8.83 0.46 14.54
C2A PLP C . -9.56 1.26 15.59
C3 PLP C . -8.05 -0.69 14.69
O3 PLP C . -7.91 -1.15 15.93
C4 PLP C . -7.48 -1.26 13.64
C4A PLP C . -6.67 -2.41 13.76
C5 PLP C . -7.66 -0.71 12.37
C6 PLP C . -8.43 0.38 12.21
C5A PLP C . -7.01 -1.38 11.11
O4P PLP C . -5.71 -2.01 11.17
P PLP C . -4.83 -2.40 9.87
O1P PLP C . -5.59 -3.26 8.98
O2P PLP C . -3.55 -3.03 10.28
O3P PLP C . -4.49 -1.10 9.09
N1 PLP D . 8.38 4.63 -12.89
C2 PLP D . 8.30 4.33 -14.19
C2A PLP D . 8.89 5.31 -15.17
C3 PLP D . 7.72 3.12 -14.47
O3 PLP D . 7.67 2.83 -15.78
C4 PLP D . 7.25 2.31 -13.45
C4A PLP D . 6.64 1.03 -13.68
C5 PLP D . 7.39 2.77 -12.12
C6 PLP D . 7.99 3.93 -11.86
C5A PLP D . 6.89 1.91 -10.93
O4P PLP D . 5.69 1.15 -11.07
P PLP D . 5.14 0.11 -9.98
O1P PLP D . 6.23 -0.58 -9.30
O2P PLP D . 4.30 -0.89 -10.67
O3P PLP D . 4.24 0.86 -8.96
#